data_7EIR
#
_entry.id   7EIR
#
_cell.length_a   49.324
_cell.length_b   94.776
_cell.length_c   229.497
_cell.angle_alpha   90.000
_cell.angle_beta   90.000
_cell.angle_gamma   90.000
#
_symmetry.space_group_name_H-M   'P 21 21 21'
#
loop_
_entity.id
_entity.type
_entity.pdbx_description
1 polymer 'Chondroitin sulfate ABC endolyase'
2 branched '4-deoxy-alpha-L-threo-hex-4-enopyranuronic acid-(1-3)-2-acetamido-2-deoxy-6-O-sulfo-beta-D-galactopyranose'
3 non-polymer 'MAGNESIUM ION'
4 non-polymer GLYCEROL
5 water water
#
_entity_poly.entity_id   1
_entity_poly.type   'polypeptide(L)'
_entity_poly.pdbx_seq_one_letter_code
;MPIFRFTALAMTLGLLSAPYNAMAATSNPAFDPKNLMQSEIYHFAQNNPLADFSSDKNSILTLSDKRSIMGNQSLLWKWK
GGSSFTLHKKLIVPTDKEASKAWGRSSTPVFSFWLYNEKPIDGYLTIDFGEKLISTSEAQAGFKVKLDFTGWRAVGVSLN
NDLENREMTLNATNTSSDGTQDSIGRSLGAKVDSIRFKAPSNVSQGEIYIDRIMFSVDDARYQWSDYQVKTRLSEPEIQF
HNVKPQLPVTPENLAAIDLIRQRLINEFVGGEKETNLALEENISKLKSDFDALNIHTLANGGTQGRHLITDKQIIIYQPE
NLNSQDKQLFDNYVILGNYTTLMFNISRAYVLEKDPTQKAQLKQMYLLMTKHLLDQGFVKGSALVTTHHWGYSSRWWYIS
TLLMSDALKEANLQTQVYDSLLWYSREFKSSFDMKVSADSSDLDYFNTLSRQHLALLLLEPDDQKRINLVNTFSHYITGA
LTQVPPGGKDGLRPDGTAWRHEGNYPGYSFPAFKNASQLIYLLRDTPFSVGESGWNNLKKAMVSAWIYSNPEVGLPLAGR
HPFNSPSLKSVAQGYYWLAMSAKSSPDKTLASIYLAISDKTQNESTAIFGETITPASLPQGFYAFNGGAFGIHRWQDKMV
TLKAYNTNVWSSEIYNKDNRYGRYQSHGVAQIVSNGSQLSQGYQQEGWDWNRMQGATTIHLPLKDLDSPKPHTLMQRGER
GFSGTSSLEGQYGMMAFDLIYPANLERFDPNFTAKKSVLAADNHLIFIGSNINSSDKNKNVETTLFQHAITPTLNTLWIN
GQKIENMPYQTTLQQGDWLIDSNGNGYLITQAEKVNVSRQHQVSAENKNRQPTEGNFSSAWIDHSTRPKDASYEYMVFLD
ATPEKMGEMAQKFRENNGLYQVLRKDKDVHIILDKLSNVTGYAFYQPASIEDKWIKKVNKPAIVMTHRQKDTLIVSAVTP
DLNMTRQKAATPVTINVTINGKWQSADKNSEVKYQVSGDNTELTFTSYFGIPQEIKLSPLP
;
_entity_poly.pdbx_strand_id   A
#
loop_
_chem_comp.id
_chem_comp.type
_chem_comp.name
_chem_comp.formula
GCD L-saccharide, alpha linking '4-deoxy-alpha-L-threo-hex-4-enopyranuronic acid' 'C6 H8 O6'
GOL non-polymer GLYCEROL 'C3 H8 O3'
MG non-polymer 'MAGNESIUM ION' 'Mg 2'
NG6 D-saccharide, beta linking 2-acetamido-2-deoxy-6-O-sulfo-beta-D-galactopyranose 'C8 H15 N O9 S'
#
# COMPACT_ATOMS: atom_id res chain seq x y z
N ALA A 25 1.24 -13.49 -40.05
CA ALA A 25 1.81 -14.81 -40.36
C ALA A 25 2.97 -14.60 -41.35
N THR A 26 4.14 -15.17 -41.03
CA THR A 26 5.36 -15.19 -41.90
C THR A 26 5.52 -16.60 -42.46
N SER A 27 6.52 -16.82 -43.34
CA SER A 27 6.87 -18.16 -43.89
C SER A 27 7.65 -18.97 -42.85
N ASN A 28 8.17 -18.31 -41.80
CA ASN A 28 8.87 -18.97 -40.67
C ASN A 28 7.94 -19.84 -39.84
N PRO A 29 8.46 -20.90 -39.19
CA PRO A 29 7.66 -21.66 -38.25
C PRO A 29 7.37 -20.90 -36.94
N ALA A 30 6.26 -21.23 -36.30
CA ALA A 30 6.03 -20.78 -34.91
C ALA A 30 7.25 -21.16 -34.05
N PHE A 31 7.61 -20.29 -33.12
CA PHE A 31 8.61 -20.57 -32.03
C PHE A 31 9.96 -20.86 -32.69
N ASP A 32 10.19 -20.26 -33.84
CA ASP A 32 11.46 -20.36 -34.61
C ASP A 32 12.60 -20.20 -33.60
N PRO A 33 13.45 -21.25 -33.31
CA PRO A 33 14.40 -21.17 -32.21
C PRO A 33 15.24 -19.88 -32.30
N LYS A 34 15.51 -19.49 -33.55
CA LYS A 34 16.21 -18.27 -34.04
C LYS A 34 15.55 -16.97 -33.56
N ASN A 35 14.23 -16.98 -33.37
CA ASN A 35 13.46 -15.78 -32.94
C ASN A 35 12.25 -16.26 -32.12
N LEU A 36 12.53 -16.89 -31.00
CA LEU A 36 11.58 -17.71 -30.24
C LEU A 36 10.41 -16.83 -29.80
N MET A 37 10.65 -15.56 -29.46
CA MET A 37 9.63 -14.72 -28.77
C MET A 37 8.71 -14.02 -29.80
N GLN A 38 8.92 -14.23 -31.11
CA GLN A 38 8.08 -13.58 -32.14
C GLN A 38 6.83 -14.42 -32.35
N SER A 39 5.67 -13.87 -31.98
CA SER A 39 4.38 -14.56 -32.17
C SER A 39 4.12 -14.72 -33.68
N GLU A 40 3.57 -15.88 -34.06
CA GLU A 40 2.91 -16.13 -35.37
C GLU A 40 1.40 -16.06 -35.16
N ILE A 41 0.76 -15.13 -35.89
CA ILE A 41 -0.66 -14.68 -35.82
C ILE A 41 -1.31 -14.74 -37.21
N TYR A 42 -2.35 -15.57 -37.37
CA TYR A 42 -3.26 -15.57 -38.53
C TYR A 42 -4.39 -14.56 -38.23
N HIS A 43 -4.23 -13.33 -38.73
CA HIS A 43 -5.25 -12.26 -38.64
C HIS A 43 -5.89 -11.96 -40.02
N PHE A 44 -5.32 -12.54 -41.09
CA PHE A 44 -5.80 -12.48 -42.50
C PHE A 44 -5.71 -11.11 -43.14
N ALA A 45 -5.07 -10.13 -42.54
CA ALA A 45 -4.77 -8.82 -43.18
C ALA A 45 -3.35 -8.87 -43.76
N GLN A 46 -3.19 -9.66 -44.82
CA GLN A 46 -1.94 -9.82 -45.61
C GLN A 46 -2.34 -10.54 -46.91
N ASN A 47 -1.37 -10.77 -47.82
CA ASN A 47 -1.61 -11.38 -49.15
C ASN A 47 -1.82 -12.90 -48.99
N ASN A 48 -2.60 -13.48 -49.90
CA ASN A 48 -3.01 -14.91 -49.90
C ASN A 48 -3.31 -15.40 -48.47
N PRO A 49 -4.30 -14.76 -47.82
CA PRO A 49 -4.57 -15.00 -46.40
C PRO A 49 -4.96 -16.44 -46.09
N LEU A 50 -5.59 -17.18 -46.98
CA LEU A 50 -5.91 -18.61 -46.68
C LEU A 50 -4.90 -19.56 -47.35
N ALA A 51 -3.76 -19.05 -47.84
CA ALA A 51 -2.65 -19.88 -48.38
C ALA A 51 -2.46 -21.14 -47.53
N ASP A 52 -2.35 -20.97 -46.20
CA ASP A 52 -1.86 -22.02 -45.26
C ASP A 52 -3.03 -22.92 -44.87
N PHE A 53 -4.24 -22.65 -45.36
CA PHE A 53 -5.43 -23.41 -44.91
C PHE A 53 -5.94 -24.24 -46.09
N SER A 54 -6.50 -25.41 -45.79
CA SER A 54 -7.31 -26.23 -46.73
C SER A 54 -8.45 -26.85 -45.94
N SER A 55 -9.57 -27.14 -46.59
CA SER A 55 -10.81 -27.72 -45.99
C SER A 55 -11.09 -29.07 -46.67
N ASP A 56 -11.75 -29.98 -45.96
CA ASP A 56 -12.37 -31.16 -46.62
C ASP A 56 -13.56 -30.67 -47.47
N LYS A 57 -14.17 -31.62 -48.18
CA LYS A 57 -15.38 -31.47 -49.07
C LYS A 57 -16.51 -30.78 -48.30
N ASN A 58 -16.70 -31.15 -47.02
CA ASN A 58 -17.88 -30.82 -46.17
C ASN A 58 -17.68 -29.49 -45.41
N SER A 59 -16.62 -28.73 -45.76
CA SER A 59 -16.32 -27.39 -45.18
C SER A 59 -15.99 -26.40 -46.29
N ILE A 60 -16.41 -25.14 -46.08
CA ILE A 60 -16.13 -23.93 -46.89
C ILE A 60 -15.51 -22.86 -45.99
N LEU A 61 -14.41 -22.26 -46.44
CA LEU A 61 -13.71 -21.17 -45.74
C LEU A 61 -13.77 -19.88 -46.55
N THR A 62 -14.38 -18.84 -46.02
CA THR A 62 -14.47 -17.50 -46.63
C THR A 62 -13.82 -16.52 -45.67
N LEU A 63 -13.33 -15.37 -46.13
CA LEU A 63 -13.13 -14.17 -45.27
C LEU A 63 -14.44 -13.39 -45.17
N SER A 64 -14.75 -12.82 -43.99
CA SER A 64 -15.91 -11.93 -43.69
C SER A 64 -15.39 -10.65 -43.06
N ASP A 65 -15.88 -9.46 -43.48
CA ASP A 65 -15.59 -8.20 -42.74
C ASP A 65 -16.81 -7.83 -41.87
N LYS A 66 -17.67 -8.78 -41.56
CA LYS A 66 -18.83 -8.51 -40.68
C LYS A 66 -18.36 -8.22 -39.25
N ARG A 67 -17.39 -8.99 -38.77
CA ARG A 67 -16.74 -8.78 -37.44
C ARG A 67 -15.28 -9.25 -37.53
N SER A 68 -14.44 -8.72 -36.64
CA SER A 68 -13.03 -9.16 -36.57
C SER A 68 -12.42 -8.74 -35.23
N ILE A 69 -11.28 -9.36 -34.90
CA ILE A 69 -10.51 -9.04 -33.65
C ILE A 69 -9.29 -8.19 -34.01
N MET A 70 -8.49 -8.70 -34.94
CA MET A 70 -7.25 -8.05 -35.43
C MET A 70 -7.35 -7.88 -36.94
N GLY A 71 -7.13 -6.67 -37.43
CA GLY A 71 -7.48 -6.25 -38.81
C GLY A 71 -8.98 -6.41 -39.11
N ASN A 72 -9.41 -6.06 -40.33
CA ASN A 72 -10.86 -5.84 -40.57
C ASN A 72 -11.57 -7.13 -41.03
N GLN A 73 -10.93 -8.30 -41.12
CA GLN A 73 -11.65 -9.54 -41.53
C GLN A 73 -11.42 -10.71 -40.58
N SER A 74 -12.28 -11.72 -40.65
CA SER A 74 -12.21 -12.99 -39.89
C SER A 74 -12.55 -14.17 -40.80
N LEU A 75 -12.17 -15.36 -40.41
CA LEU A 75 -12.43 -16.62 -41.16
C LEU A 75 -13.88 -17.02 -40.89
N LEU A 76 -14.69 -17.09 -41.95
CA LEU A 76 -16.06 -17.68 -41.85
C LEU A 76 -15.98 -19.14 -42.30
N TRP A 77 -16.19 -20.05 -41.35
CA TRP A 77 -16.11 -21.51 -41.56
C TRP A 77 -17.50 -22.16 -41.52
N LYS A 78 -18.10 -22.45 -42.69
CA LYS A 78 -19.37 -23.21 -42.80
C LYS A 78 -19.06 -24.70 -42.89
N TRP A 79 -19.83 -25.56 -42.24
CA TRP A 79 -19.50 -27.01 -42.08
C TRP A 79 -20.74 -27.89 -41.87
N LYS A 80 -20.63 -29.15 -42.23
CA LYS A 80 -21.53 -30.23 -41.73
C LYS A 80 -20.83 -30.86 -40.53
N GLY A 81 -21.58 -31.46 -39.61
CA GLY A 81 -21.03 -32.15 -38.42
C GLY A 81 -19.87 -33.06 -38.78
N GLY A 82 -18.76 -33.01 -38.03
CA GLY A 82 -17.62 -33.93 -38.24
C GLY A 82 -16.62 -33.46 -39.30
N SER A 83 -16.92 -32.40 -40.04
CA SER A 83 -16.04 -31.81 -41.09
C SER A 83 -14.87 -31.07 -40.43
N SER A 84 -13.67 -31.18 -41.02
CA SER A 84 -12.43 -30.47 -40.57
C SER A 84 -11.92 -29.50 -41.64
N PHE A 85 -11.12 -28.52 -41.19
CA PHE A 85 -10.16 -27.74 -42.00
C PHE A 85 -8.82 -27.80 -41.27
N THR A 86 -7.73 -27.58 -42.01
CA THR A 86 -6.36 -27.71 -41.48
C THR A 86 -5.59 -26.43 -41.81
N LEU A 87 -4.94 -25.88 -40.77
CA LEU A 87 -3.92 -24.83 -40.82
C LEU A 87 -2.58 -25.55 -40.96
N HIS A 88 -1.83 -25.25 -42.02
CA HIS A 88 -0.53 -25.89 -42.35
C HIS A 88 0.57 -24.99 -41.83
N LYS A 89 1.15 -25.35 -40.69
CA LYS A 89 2.16 -24.48 -40.05
C LYS A 89 3.12 -25.31 -39.22
N LYS A 90 4.41 -25.20 -39.50
CA LYS A 90 5.47 -25.90 -38.73
C LYS A 90 5.61 -25.24 -37.37
N LEU A 91 5.55 -26.07 -36.33
CA LEU A 91 5.72 -25.61 -34.92
C LEU A 91 6.92 -26.35 -34.37
N ILE A 92 7.90 -25.55 -33.97
CA ILE A 92 9.08 -25.96 -33.20
C ILE A 92 8.77 -25.67 -31.72
N VAL A 93 7.97 -26.55 -31.14
CA VAL A 93 7.33 -26.26 -29.82
C VAL A 93 8.43 -26.38 -28.78
N PRO A 94 8.78 -25.27 -28.10
CA PRO A 94 9.81 -25.31 -27.06
C PRO A 94 9.31 -26.04 -25.79
N THR A 95 10.22 -26.60 -24.99
CA THR A 95 9.90 -27.03 -23.60
C THR A 95 9.54 -25.80 -22.76
N ASP A 96 8.88 -25.99 -21.62
CA ASP A 96 8.63 -24.85 -20.69
C ASP A 96 9.97 -24.25 -20.27
N LYS A 97 11.01 -25.08 -20.07
CA LYS A 97 12.34 -24.57 -19.65
C LYS A 97 12.90 -23.66 -20.74
N GLU A 98 12.78 -24.04 -22.01
CA GLU A 98 13.32 -23.25 -23.15
C GLU A 98 12.60 -21.92 -23.26
N ALA A 99 11.26 -21.97 -23.27
CA ALA A 99 10.41 -20.75 -23.29
C ALA A 99 10.82 -19.85 -22.12
N SER A 100 10.93 -20.39 -20.89
CA SER A 100 11.21 -19.57 -19.67
C SER A 100 12.61 -18.90 -19.79
N LYS A 101 13.61 -19.62 -20.30
CA LYS A 101 14.98 -19.06 -20.54
C LYS A 101 14.92 -17.93 -21.59
N ALA A 102 14.11 -18.07 -22.63
CA ALA A 102 14.02 -17.06 -23.71
C ALA A 102 13.43 -15.77 -23.15
N TRP A 103 12.55 -15.87 -22.15
CA TRP A 103 11.80 -14.68 -21.63
C TRP A 103 12.33 -14.23 -20.27
N GLY A 104 12.73 -15.13 -19.38
CA GLY A 104 13.27 -14.76 -18.06
C GLY A 104 12.25 -14.86 -16.94
N ARG A 105 11.07 -15.40 -17.20
CA ARG A 105 10.15 -15.84 -16.12
C ARG A 105 9.49 -17.16 -16.53
N SER A 106 8.87 -17.85 -15.59
CA SER A 106 8.20 -19.16 -15.83
C SER A 106 7.22 -19.02 -17.03
N SER A 107 7.44 -19.72 -18.15
CA SER A 107 6.71 -19.52 -19.44
C SER A 107 6.25 -20.85 -20.05
N THR A 108 5.29 -20.81 -20.98
CA THR A 108 4.89 -21.99 -21.76
C THR A 108 4.52 -21.49 -23.16
N PRO A 109 4.78 -22.29 -24.20
CA PRO A 109 4.22 -22.01 -25.52
C PRO A 109 2.69 -22.18 -25.48
N VAL A 110 2.00 -21.21 -26.06
CA VAL A 110 0.52 -21.15 -26.01
C VAL A 110 -0.04 -21.13 -27.44
N PHE A 111 -1.08 -21.90 -27.66
CA PHE A 111 -1.96 -21.78 -28.83
C PHE A 111 -3.22 -21.02 -28.40
N SER A 112 -3.54 -19.91 -29.08
CA SER A 112 -4.74 -19.09 -28.80
C SER A 112 -5.43 -18.68 -30.09
N PHE A 113 -6.76 -18.58 -30.03
CA PHE A 113 -7.61 -17.94 -31.06
C PHE A 113 -8.88 -17.36 -30.42
N TRP A 114 -9.56 -16.56 -31.23
CA TRP A 114 -10.88 -15.96 -30.96
C TRP A 114 -11.90 -16.62 -31.87
N LEU A 115 -13.08 -17.00 -31.35
CA LEU A 115 -14.19 -17.49 -32.18
C LEU A 115 -15.49 -16.76 -31.82
N TYR A 116 -16.40 -16.62 -32.80
CA TYR A 116 -17.73 -15.97 -32.65
C TYR A 116 -18.84 -16.93 -33.07
N ASN A 117 -19.86 -17.05 -32.23
CA ASN A 117 -21.08 -17.84 -32.54
C ASN A 117 -22.25 -16.85 -32.62
N GLU A 118 -23.01 -16.89 -33.72
CA GLU A 118 -24.21 -16.03 -33.83
C GLU A 118 -25.34 -16.74 -33.12
N LYS A 119 -25.21 -18.06 -32.94
CA LYS A 119 -26.17 -18.90 -32.19
C LYS A 119 -25.44 -20.05 -31.51
N PRO A 120 -25.96 -20.55 -30.37
CA PRO A 120 -25.27 -21.62 -29.62
C PRO A 120 -25.28 -22.95 -30.36
N ILE A 121 -24.26 -23.79 -30.14
CA ILE A 121 -24.09 -25.11 -30.78
C ILE A 121 -23.97 -26.17 -29.68
N ASP A 122 -24.81 -27.19 -29.71
CA ASP A 122 -24.88 -28.24 -28.66
C ASP A 122 -23.83 -29.31 -28.98
N GLY A 123 -22.56 -29.02 -28.71
CA GLY A 123 -21.43 -29.89 -29.06
C GLY A 123 -20.10 -29.16 -28.93
N TYR A 124 -19.01 -29.91 -29.13
CA TYR A 124 -17.61 -29.48 -28.95
C TYR A 124 -16.89 -29.39 -30.31
N LEU A 125 -16.05 -28.37 -30.49
CA LEU A 125 -14.99 -28.24 -31.53
C LEU A 125 -13.73 -28.96 -31.03
N THR A 126 -13.13 -29.86 -31.85
CA THR A 126 -11.85 -30.58 -31.56
C THR A 126 -10.71 -29.91 -32.34
N ILE A 127 -9.65 -29.52 -31.64
CA ILE A 127 -8.43 -28.91 -32.24
C ILE A 127 -7.29 -29.91 -32.02
N ASP A 128 -6.77 -30.45 -33.12
CA ASP A 128 -5.78 -31.57 -33.14
C ASP A 128 -4.45 -31.07 -33.72
N PHE A 129 -3.34 -31.53 -33.12
CA PHE A 129 -1.97 -31.17 -33.57
C PHE A 129 -1.25 -32.42 -34.06
N GLY A 130 -0.62 -32.36 -35.24
CA GLY A 130 0.16 -33.49 -35.77
C GLY A 130 0.92 -33.17 -37.07
N GLU A 131 1.55 -34.19 -37.65
CA GLU A 131 2.35 -34.04 -38.89
C GLU A 131 1.50 -34.55 -40.07
N LYS A 132 1.34 -33.69 -41.08
CA LYS A 132 0.74 -33.99 -42.40
C LYS A 132 -0.64 -34.61 -42.21
N LEU A 133 -1.45 -34.03 -41.32
CA LEU A 133 -2.85 -34.44 -41.05
C LEU A 133 -3.76 -34.11 -42.23
N ILE A 134 -4.83 -34.90 -42.36
CA ILE A 134 -6.06 -34.69 -43.18
C ILE A 134 -7.22 -35.21 -42.33
N SER A 135 -8.46 -35.10 -42.82
CA SER A 135 -9.67 -35.34 -41.98
C SER A 135 -9.67 -36.71 -41.31
N THR A 136 -8.85 -37.67 -41.75
CA THR A 136 -8.97 -39.09 -41.34
C THR A 136 -7.71 -39.58 -40.60
N SER A 137 -6.89 -38.67 -40.04
CA SER A 137 -5.61 -39.02 -39.36
C SER A 137 -5.81 -39.16 -37.84
N GLN A 140 -2.09 -37.19 -32.81
CA GLN A 140 -1.00 -36.96 -31.80
C GLN A 140 -1.59 -36.46 -30.45
N ALA A 141 -1.99 -35.18 -30.34
CA ALA A 141 -2.57 -34.58 -29.11
C ALA A 141 -3.51 -33.45 -29.52
N GLY A 142 -4.41 -33.07 -28.63
CA GLY A 142 -5.40 -32.02 -28.93
C GLY A 142 -6.30 -31.71 -27.74
N PHE A 143 -7.30 -30.89 -27.97
CA PHE A 143 -8.15 -30.30 -26.91
C PHE A 143 -9.52 -29.92 -27.51
N LYS A 144 -10.49 -29.60 -26.68
CA LYS A 144 -11.90 -29.40 -27.09
C LYS A 144 -12.36 -28.02 -26.60
N VAL A 145 -13.22 -27.36 -27.38
CA VAL A 145 -13.84 -26.06 -27.06
C VAL A 145 -15.35 -26.23 -27.13
N LYS A 146 -16.07 -26.07 -26.01
CA LYS A 146 -17.55 -26.21 -25.96
C LYS A 146 -18.16 -25.02 -26.72
N LEU A 147 -19.17 -25.25 -27.58
CA LEU A 147 -19.65 -24.20 -28.52
C LEU A 147 -20.99 -23.61 -28.07
N ASP A 148 -21.40 -23.91 -26.85
CA ASP A 148 -22.74 -23.54 -26.37
C ASP A 148 -22.70 -22.11 -25.82
N PHE A 149 -22.66 -21.12 -26.67
CA PHE A 149 -22.54 -19.70 -26.28
C PHE A 149 -22.77 -18.82 -27.51
N THR A 150 -22.86 -17.51 -27.30
CA THR A 150 -22.93 -16.51 -28.38
C THR A 150 -22.01 -15.36 -28.02
N GLY A 151 -21.57 -14.66 -29.05
CA GLY A 151 -20.56 -13.60 -28.90
C GLY A 151 -19.17 -14.18 -29.09
N TRP A 152 -18.18 -13.31 -28.95
CA TRP A 152 -16.74 -13.66 -29.04
C TRP A 152 -16.35 -14.40 -27.78
N ARG A 153 -15.57 -15.47 -27.91
CA ARG A 153 -14.81 -16.05 -26.79
C ARG A 153 -13.35 -16.16 -27.23
N ALA A 154 -12.43 -16.14 -26.29
CA ALA A 154 -11.01 -16.45 -26.51
C ALA A 154 -10.73 -17.85 -25.95
N VAL A 155 -9.83 -18.54 -26.61
CA VAL A 155 -9.29 -19.87 -26.25
C VAL A 155 -7.77 -19.70 -26.20
N GLY A 156 -7.13 -20.22 -25.15
CA GLY A 156 -5.68 -20.17 -24.94
C GLY A 156 -5.26 -21.36 -24.15
N VAL A 157 -4.37 -22.19 -24.72
CA VAL A 157 -3.87 -23.44 -24.08
C VAL A 157 -2.33 -23.49 -24.16
N SER A 158 -1.70 -24.05 -23.13
CA SER A 158 -0.26 -24.45 -23.15
C SER A 158 -0.13 -25.69 -24.03
N LEU A 159 0.70 -25.64 -25.06
CA LEU A 159 0.99 -26.78 -25.95
C LEU A 159 1.69 -27.93 -25.21
N ASN A 160 2.33 -27.64 -24.07
CA ASN A 160 3.12 -28.63 -23.30
C ASN A 160 2.23 -29.25 -22.20
N ASN A 161 1.16 -28.58 -21.75
CA ASN A 161 0.54 -28.89 -20.43
C ASN A 161 -0.98 -29.15 -20.53
N ASP A 162 -1.63 -28.80 -21.64
CA ASP A 162 -3.10 -28.70 -21.70
C ASP A 162 -3.67 -29.57 -22.82
N LEU A 163 -2.89 -30.36 -23.57
CA LEU A 163 -3.44 -31.26 -24.65
C LEU A 163 -3.71 -32.65 -24.07
N GLU A 164 -4.75 -33.39 -24.48
CA GLU A 164 -5.09 -34.72 -23.89
C GLU A 164 -4.25 -35.81 -24.57
N LEU A 188 3.94 -33.18 -27.70
CA LEU A 188 4.11 -32.59 -29.06
C LEU A 188 5.54 -32.79 -29.60
N GLY A 189 5.75 -33.82 -30.43
CA GLY A 189 7.01 -34.08 -31.16
C GLY A 189 7.37 -32.95 -32.13
N ALA A 190 8.67 -32.72 -32.31
CA ALA A 190 9.26 -31.57 -33.05
C ALA A 190 8.61 -31.37 -34.43
N LYS A 191 8.06 -32.42 -35.03
CA LYS A 191 7.64 -32.46 -36.47
C LYS A 191 6.18 -32.03 -36.67
N VAL A 192 5.54 -31.37 -35.69
CA VAL A 192 4.14 -30.88 -35.83
C VAL A 192 4.11 -29.82 -36.92
N ASP A 193 3.24 -29.99 -37.92
CA ASP A 193 3.02 -28.98 -38.98
C ASP A 193 1.54 -28.81 -39.29
N SER A 194 0.65 -29.53 -38.58
CA SER A 194 -0.81 -29.54 -38.83
C SER A 194 -1.60 -29.17 -37.57
N ILE A 195 -2.51 -28.19 -37.71
CA ILE A 195 -3.51 -27.85 -36.67
C ILE A 195 -4.89 -28.00 -37.32
N ARG A 196 -5.61 -29.06 -36.92
CA ARG A 196 -6.90 -29.48 -37.53
C ARG A 196 -8.08 -29.12 -36.62
N PHE A 197 -8.92 -28.22 -37.10
CA PHE A 197 -10.18 -27.78 -36.46
C PHE A 197 -11.32 -28.64 -36.98
N LYS A 198 -11.89 -29.49 -36.13
CA LYS A 198 -12.96 -30.46 -36.46
C LYS A 198 -14.29 -30.07 -35.76
N ALA A 199 -15.26 -29.64 -36.56
CA ALA A 199 -16.64 -29.32 -36.16
C ALA A 199 -17.31 -30.54 -35.51
N PRO A 200 -18.21 -30.37 -34.50
CA PRO A 200 -18.82 -31.48 -33.77
C PRO A 200 -19.49 -32.52 -34.69
N SER A 201 -19.39 -33.81 -34.30
CA SER A 201 -19.86 -35.02 -35.04
C SER A 201 -21.38 -35.21 -34.89
N ASN A 202 -21.93 -34.64 -33.82
CA ASN A 202 -23.33 -34.93 -33.42
C ASN A 202 -24.18 -33.68 -33.70
N VAL A 203 -23.75 -32.77 -34.58
CA VAL A 203 -24.54 -31.56 -34.97
C VAL A 203 -24.51 -31.47 -36.49
N SER A 204 -25.66 -31.43 -37.16
CA SER A 204 -25.75 -31.81 -38.60
C SER A 204 -25.13 -30.70 -39.45
N GLN A 205 -25.39 -29.42 -39.17
CA GLN A 205 -24.63 -28.33 -39.82
C GLN A 205 -24.38 -27.18 -38.83
N GLY A 206 -23.65 -26.17 -39.28
CA GLY A 206 -23.37 -24.97 -38.48
C GLY A 206 -22.28 -24.18 -39.13
N GLU A 207 -21.87 -23.11 -38.46
CA GLU A 207 -21.01 -22.03 -39.01
C GLU A 207 -20.34 -21.29 -37.83
N ILE A 208 -19.04 -20.98 -37.92
CA ILE A 208 -18.24 -20.33 -36.83
C ILE A 208 -17.31 -19.31 -37.46
N TYR A 209 -17.20 -18.14 -36.83
CA TYR A 209 -16.19 -17.11 -37.18
C TYR A 209 -14.95 -17.27 -36.28
N ILE A 210 -13.77 -17.35 -36.89
CA ILE A 210 -12.49 -17.50 -36.17
C ILE A 210 -11.60 -16.35 -36.57
N ASP A 211 -10.84 -15.81 -35.64
CA ASP A 211 -9.82 -14.79 -35.97
C ASP A 211 -8.64 -14.91 -35.02
N ARG A 212 -7.52 -14.34 -35.44
CA ARG A 212 -6.31 -14.15 -34.62
C ARG A 212 -5.87 -15.49 -34.02
N ILE A 213 -5.69 -16.50 -34.87
CA ILE A 213 -5.00 -17.78 -34.48
C ILE A 213 -3.51 -17.47 -34.20
N MET A 214 -3.03 -17.70 -32.99
CA MET A 214 -1.71 -17.18 -32.54
C MET A 214 -0.90 -18.29 -31.82
N PHE A 215 0.40 -18.37 -32.15
CA PHE A 215 1.44 -19.18 -31.44
C PHE A 215 2.33 -18.14 -30.76
N SER A 216 2.45 -18.24 -29.44
CA SER A 216 3.17 -17.23 -28.65
C SER A 216 3.76 -17.92 -27.44
N VAL A 217 4.69 -17.23 -26.81
CA VAL A 217 5.22 -17.56 -25.49
C VAL A 217 4.47 -16.70 -24.44
N ASP A 218 3.85 -17.36 -23.46
CA ASP A 218 3.07 -16.66 -22.44
C ASP A 218 3.54 -17.01 -21.03
N ASP A 219 3.17 -16.15 -20.11
CA ASP A 219 3.37 -16.37 -18.66
C ASP A 219 2.67 -17.67 -18.31
N ALA A 220 3.36 -18.60 -17.66
CA ALA A 220 2.84 -19.96 -17.36
C ALA A 220 1.71 -19.91 -16.32
N ARG A 221 1.44 -18.78 -15.67
CA ARG A 221 0.35 -18.68 -14.66
C ARG A 221 -1.02 -18.46 -15.31
N TYR A 222 -1.11 -18.05 -16.56
CA TYR A 222 -2.28 -17.27 -17.04
C TYR A 222 -2.93 -17.85 -18.30
N GLN A 223 -3.14 -19.18 -18.36
CA GLN A 223 -4.18 -19.80 -19.23
C GLN A 223 -5.25 -20.42 -18.31
N TRP A 224 -6.36 -19.71 -18.10
CA TRP A 224 -7.44 -20.06 -17.14
C TRP A 224 -8.56 -20.84 -17.82
N SER A 225 -9.09 -21.83 -17.12
CA SER A 225 -10.27 -22.62 -17.54
C SER A 225 -11.52 -21.75 -17.50
N ASP A 226 -12.53 -22.18 -18.25
CA ASP A 226 -13.82 -21.45 -18.28
C ASP A 226 -14.88 -22.43 -18.79
N TYR A 227 -16.02 -21.92 -19.21
CA TYR A 227 -17.20 -22.73 -19.59
C TYR A 227 -16.97 -23.33 -20.97
N GLN A 228 -15.95 -22.88 -21.71
CA GLN A 228 -15.58 -23.34 -23.08
C GLN A 228 -14.39 -24.31 -23.06
N VAL A 229 -13.31 -23.99 -22.33
CA VAL A 229 -12.06 -24.82 -22.35
C VAL A 229 -11.62 -25.19 -20.93
N LYS A 230 -11.10 -26.40 -20.76
CA LYS A 230 -10.50 -26.86 -19.48
C LYS A 230 -9.00 -26.79 -19.64
N THR A 231 -8.30 -26.04 -18.79
CA THR A 231 -6.82 -26.00 -18.73
C THR A 231 -6.37 -26.58 -17.39
N ARG A 232 -5.06 -26.66 -17.16
CA ARG A 232 -4.50 -27.10 -15.87
C ARG A 232 -4.77 -26.01 -14.81
N LEU A 233 -5.30 -24.83 -15.17
CA LEU A 233 -5.45 -23.70 -14.23
C LEU A 233 -6.92 -23.24 -14.16
N SER A 234 -7.32 -22.85 -12.96
CA SER A 234 -8.72 -22.55 -12.59
C SER A 234 -8.73 -21.51 -11.47
N GLU A 235 -9.49 -20.45 -11.69
CA GLU A 235 -9.84 -19.46 -10.67
C GLU A 235 -11.29 -19.75 -10.29
N PRO A 236 -11.53 -20.43 -9.15
CA PRO A 236 -12.90 -20.78 -8.74
C PRO A 236 -13.84 -19.58 -8.50
N GLU A 237 -15.13 -19.76 -8.78
CA GLU A 237 -16.16 -18.69 -8.73
C GLU A 237 -16.36 -18.27 -7.28
N ILE A 238 -16.80 -17.03 -7.06
CA ILE A 238 -17.25 -16.57 -5.73
C ILE A 238 -18.34 -17.50 -5.20
N GLN A 239 -18.28 -17.79 -3.89
CA GLN A 239 -19.33 -18.46 -3.11
C GLN A 239 -19.61 -17.51 -1.95
N PHE A 240 -20.65 -16.71 -2.04
CA PHE A 240 -20.93 -15.68 -1.01
C PHE A 240 -21.28 -16.36 0.32
N HIS A 241 -20.62 -15.91 1.36
CA HIS A 241 -21.03 -16.12 2.76
C HIS A 241 -22.34 -15.37 3.01
N ASN A 242 -23.10 -15.81 3.99
CA ASN A 242 -24.39 -15.18 4.35
C ASN A 242 -24.55 -15.30 5.85
N VAL A 243 -24.71 -14.18 6.54
CA VAL A 243 -24.89 -14.08 8.01
C VAL A 243 -26.34 -14.33 8.39
N LYS A 244 -26.55 -15.04 9.48
CA LYS A 244 -27.91 -15.21 10.10
C LYS A 244 -27.96 -14.35 11.36
N PRO A 245 -29.12 -13.79 11.75
CA PRO A 245 -30.40 -13.93 11.02
C PRO A 245 -30.45 -13.02 9.78
N GLN A 246 -31.28 -13.35 8.80
CA GLN A 246 -31.45 -12.56 7.57
C GLN A 246 -32.30 -11.32 7.91
N LEU A 247 -32.01 -10.18 7.29
CA LEU A 247 -32.88 -8.99 7.31
C LEU A 247 -34.00 -9.29 6.32
N PRO A 248 -35.26 -9.00 6.67
CA PRO A 248 -36.36 -9.22 5.73
C PRO A 248 -36.41 -8.16 4.61
N VAL A 249 -36.89 -8.49 3.42
CA VAL A 249 -37.31 -7.46 2.45
C VAL A 249 -38.51 -6.74 3.10
N THR A 250 -38.34 -5.46 3.43
CA THR A 250 -39.38 -4.52 3.92
C THR A 250 -39.20 -3.23 3.16
N PRO A 251 -40.25 -2.37 3.11
CA PRO A 251 -40.06 -1.02 2.51
C PRO A 251 -38.89 -0.26 3.16
N GLU A 252 -38.73 -0.38 4.47
CA GLU A 252 -37.61 0.27 5.21
C GLU A 252 -36.26 -0.29 4.71
N ASN A 253 -36.10 -1.61 4.61
CA ASN A 253 -34.78 -2.19 4.26
C ASN A 253 -34.48 -1.89 2.78
N LEU A 254 -35.48 -1.93 1.91
CA LEU A 254 -35.27 -1.65 0.47
C LEU A 254 -34.90 -0.15 0.30
N ALA A 255 -35.52 0.71 1.08
CA ALA A 255 -35.24 2.16 0.99
C ALA A 255 -33.80 2.39 1.46
N ALA A 256 -33.32 1.69 2.49
CA ALA A 256 -31.96 1.87 3.05
C ALA A 256 -30.95 1.47 1.96
N ILE A 257 -31.20 0.36 1.29
CA ILE A 257 -30.43 -0.11 0.10
C ILE A 257 -30.39 1.02 -0.96
N ASP A 258 -31.54 1.56 -1.33
CA ASP A 258 -31.66 2.59 -2.41
C ASP A 258 -30.94 3.86 -1.95
N LEU A 259 -30.90 4.13 -0.64
CA LEU A 259 -30.23 5.33 -0.08
C LEU A 259 -28.72 5.15 -0.16
N ILE A 260 -28.24 3.93 0.14
CA ILE A 260 -26.81 3.59 0.07
C ILE A 260 -26.34 3.75 -1.37
N ARG A 261 -27.15 3.30 -2.32
CA ARG A 261 -26.77 3.44 -3.74
C ARG A 261 -26.72 4.93 -4.08
N GLN A 262 -27.74 5.72 -3.75
CA GLN A 262 -27.73 7.18 -4.00
C GLN A 262 -26.50 7.85 -3.37
N ARG A 263 -26.13 7.47 -2.15
CA ARG A 263 -25.00 8.09 -1.41
C ARG A 263 -23.71 7.81 -2.18
N LEU A 264 -23.58 6.63 -2.80
CA LEU A 264 -22.42 6.27 -3.64
C LEU A 264 -22.41 7.16 -4.89
N ILE A 265 -23.55 7.24 -5.57
CA ILE A 265 -23.69 8.16 -6.74
C ILE A 265 -23.21 9.55 -6.31
N ASN A 266 -23.66 10.06 -5.19
CA ASN A 266 -23.34 11.44 -4.72
C ASN A 266 -21.81 11.65 -4.64
N GLU A 267 -21.11 10.69 -4.02
CA GLU A 267 -19.64 10.68 -3.89
C GLU A 267 -18.97 10.69 -5.27
N PHE A 268 -19.49 10.02 -6.30
CA PHE A 268 -18.81 9.93 -7.61
C PHE A 268 -19.25 11.02 -8.60
N VAL A 269 -20.23 11.88 -8.27
CA VAL A 269 -20.65 12.96 -9.21
C VAL A 269 -20.37 14.36 -8.65
N GLY A 270 -20.01 14.49 -7.40
CA GLY A 270 -19.74 15.78 -6.76
C GLY A 270 -18.34 15.82 -6.17
N LYS A 273 -12.98 14.26 -5.23
CA LYS A 273 -12.02 14.02 -6.35
C LYS A 273 -11.14 12.79 -6.04
N GLU A 274 -11.35 11.68 -6.77
CA GLU A 274 -10.73 10.34 -6.57
C GLU A 274 -9.31 10.30 -7.13
N THR A 275 -8.37 9.71 -6.41
CA THR A 275 -7.02 9.42 -6.97
C THR A 275 -7.17 8.27 -7.97
N ASN A 276 -6.42 8.29 -9.04
CA ASN A 276 -6.36 7.14 -10.00
C ASN A 276 -7.70 6.96 -10.70
N LEU A 277 -8.48 8.04 -10.83
CA LEU A 277 -9.64 8.16 -11.75
C LEU A 277 -9.37 9.35 -12.67
N ALA A 278 -9.22 9.09 -13.96
CA ALA A 278 -8.96 10.14 -14.95
C ALA A 278 -10.29 10.84 -15.27
N LEU A 279 -10.75 11.73 -14.39
CA LEU A 279 -12.02 12.50 -14.55
C LEU A 279 -12.03 13.30 -15.86
N GLU A 280 -13.08 13.18 -16.68
CA GLU A 280 -13.30 14.05 -17.86
C GLU A 280 -14.76 14.52 -17.83
N GLU A 281 -14.98 15.80 -17.53
CA GLU A 281 -16.34 16.40 -17.39
C GLU A 281 -16.73 17.10 -18.69
N ASN A 282 -15.79 17.26 -19.64
CA ASN A 282 -16.14 17.92 -20.93
C ASN A 282 -16.86 16.92 -21.85
N ILE A 283 -18.15 17.14 -22.11
CA ILE A 283 -18.97 16.25 -22.99
C ILE A 283 -18.35 16.19 -24.37
N SER A 284 -17.80 17.30 -24.87
CA SER A 284 -17.19 17.36 -26.24
C SER A 284 -16.13 16.26 -26.30
N LYS A 285 -15.22 16.31 -25.32
CA LYS A 285 -14.12 15.32 -25.17
C LYS A 285 -14.71 13.91 -25.08
N LEU A 286 -15.74 13.68 -24.22
CA LEU A 286 -16.31 12.31 -24.02
C LEU A 286 -16.82 11.78 -25.34
N LYS A 287 -17.51 12.58 -26.17
CA LYS A 287 -18.19 12.07 -27.40
C LYS A 287 -17.16 11.80 -28.49
N SER A 288 -16.13 12.65 -28.52
CA SER A 288 -14.92 12.54 -29.38
C SER A 288 -14.22 11.22 -29.04
N ASP A 289 -13.87 10.97 -27.76
CA ASP A 289 -13.19 9.68 -27.37
C ASP A 289 -14.16 8.55 -27.75
N PHE A 290 -15.46 8.66 -27.48
CA PHE A 290 -16.42 7.57 -27.78
C PHE A 290 -16.42 7.31 -29.30
N ASP A 291 -16.50 8.37 -30.10
CA ASP A 291 -16.67 8.23 -31.58
C ASP A 291 -15.42 7.50 -32.10
N ALA A 292 -14.25 7.75 -31.53
CA ALA A 292 -12.99 7.06 -31.93
C ALA A 292 -13.10 5.53 -31.78
N LEU A 293 -14.01 4.99 -30.95
CA LEU A 293 -14.14 3.53 -30.71
C LEU A 293 -14.67 2.83 -31.95
N ASN A 294 -15.35 3.56 -32.86
CA ASN A 294 -15.94 3.06 -34.14
C ASN A 294 -16.84 1.86 -33.86
N ILE A 295 -17.68 1.96 -32.84
CA ILE A 295 -18.72 0.93 -32.52
C ILE A 295 -20.00 1.13 -33.35
N HIS A 296 -20.45 0.05 -33.97
CA HIS A 296 -21.68 -0.05 -34.80
C HIS A 296 -22.40 -1.33 -34.34
N THR A 297 -23.70 -1.25 -34.06
CA THR A 297 -24.62 -2.42 -33.88
C THR A 297 -24.70 -3.21 -35.18
N LEU A 298 -24.74 -4.55 -35.09
CA LEU A 298 -24.82 -5.40 -36.29
C LEU A 298 -26.24 -5.92 -36.43
N ALA A 299 -26.50 -6.39 -37.65
CA ALA A 299 -27.80 -6.84 -38.23
C ALA A 299 -28.55 -7.75 -37.25
N ASN A 300 -28.27 -9.07 -37.26
CA ASN A 300 -28.91 -10.06 -36.36
C ASN A 300 -28.01 -10.22 -35.13
N GLY A 301 -27.50 -9.10 -34.57
CA GLY A 301 -27.01 -9.01 -33.18
C GLY A 301 -25.49 -8.99 -33.10
N GLY A 302 -24.99 -8.39 -32.02
CA GLY A 302 -23.55 -8.22 -31.74
C GLY A 302 -23.10 -6.85 -32.17
N THR A 303 -21.80 -6.59 -32.15
CA THR A 303 -21.23 -5.29 -32.56
C THR A 303 -20.04 -5.54 -33.47
N GLN A 304 -19.60 -4.45 -34.12
CA GLN A 304 -18.25 -4.24 -34.68
C GLN A 304 -17.71 -2.94 -34.08
N GLY A 305 -16.43 -2.91 -33.83
CA GLY A 305 -15.73 -1.79 -33.21
C GLY A 305 -14.37 -2.28 -32.79
N ARG A 306 -13.50 -1.37 -32.40
CA ARG A 306 -12.11 -1.71 -31.97
C ARG A 306 -12.12 -2.72 -30.82
N HIS A 307 -11.17 -3.67 -30.87
CA HIS A 307 -10.99 -4.82 -29.94
C HIS A 307 -10.55 -4.33 -28.58
N LEU A 308 -11.17 -4.88 -27.52
CA LEU A 308 -10.90 -4.48 -26.12
C LEU A 308 -9.93 -5.49 -25.53
N ILE A 309 -8.89 -5.01 -24.87
CA ILE A 309 -7.90 -5.89 -24.24
C ILE A 309 -7.45 -5.22 -22.96
N THR A 310 -7.17 -6.01 -21.92
CA THR A 310 -6.64 -5.44 -20.65
C THR A 310 -5.14 -5.22 -20.79
N ASP A 311 -4.63 -4.36 -19.91
CA ASP A 311 -3.18 -4.09 -19.77
C ASP A 311 -2.41 -5.41 -19.53
N LYS A 312 -2.99 -6.42 -18.84
CA LYS A 312 -2.29 -7.72 -18.58
C LYS A 312 -2.51 -8.72 -19.72
N GLN A 313 -3.64 -8.67 -20.39
CA GLN A 313 -3.94 -9.64 -21.47
C GLN A 313 -2.90 -9.49 -22.59
N ILE A 314 -2.36 -8.29 -22.81
CA ILE A 314 -1.47 -7.98 -23.99
C ILE A 314 -0.21 -8.88 -23.95
N ILE A 315 0.17 -9.39 -22.78
CA ILE A 315 1.39 -10.21 -22.54
C ILE A 315 1.42 -11.38 -23.51
N ILE A 316 0.27 -11.98 -23.80
CA ILE A 316 0.13 -13.21 -24.65
C ILE A 316 0.65 -12.96 -26.07
N TYR A 317 0.66 -11.71 -26.51
CA TYR A 317 1.20 -11.27 -27.81
C TYR A 317 2.73 -11.19 -27.78
N GLN A 318 3.33 -10.97 -26.60
CA GLN A 318 4.73 -10.51 -26.43
C GLN A 318 4.89 -9.31 -27.38
N PRO A 319 4.24 -8.19 -27.05
CA PRO A 319 4.13 -7.08 -28.00
C PRO A 319 5.47 -6.52 -28.47
N GLU A 320 6.48 -6.44 -27.58
CA GLU A 320 7.83 -5.89 -27.85
C GLU A 320 8.52 -6.70 -28.97
N ASN A 321 8.08 -7.95 -29.22
CA ASN A 321 8.72 -8.91 -30.16
C ASN A 321 7.82 -9.13 -31.37
N LEU A 322 6.68 -8.40 -31.49
CA LEU A 322 5.75 -8.60 -32.62
C LEU A 322 6.47 -8.15 -33.90
N ASN A 323 6.25 -8.82 -35.01
CA ASN A 323 6.74 -8.32 -36.32
C ASN A 323 5.95 -7.04 -36.64
N SER A 324 6.45 -6.18 -37.56
CA SER A 324 5.95 -4.79 -37.75
C SER A 324 4.53 -4.81 -38.30
N GLN A 325 4.23 -5.73 -39.21
CA GLN A 325 2.86 -5.96 -39.71
C GLN A 325 1.90 -6.16 -38.51
N ASP A 326 2.28 -7.01 -37.55
CA ASP A 326 1.38 -7.48 -36.47
C ASP A 326 1.19 -6.32 -35.49
N LYS A 327 2.27 -5.65 -35.13
CA LYS A 327 2.30 -4.51 -34.17
C LYS A 327 1.33 -3.41 -34.64
N GLN A 328 1.34 -3.07 -35.94
CA GLN A 328 0.50 -1.97 -36.48
C GLN A 328 -0.97 -2.32 -36.20
N LEU A 329 -1.36 -3.58 -36.35
CA LEU A 329 -2.75 -4.06 -36.12
C LEU A 329 -3.04 -4.00 -34.61
N PHE A 330 -2.10 -4.46 -33.79
CA PHE A 330 -2.20 -4.55 -32.31
C PHE A 330 -2.37 -3.15 -31.72
N ASP A 331 -1.73 -2.17 -32.33
CA ASP A 331 -1.78 -0.75 -31.91
C ASP A 331 -3.20 -0.18 -32.11
N ASN A 332 -4.07 -0.83 -32.88
CA ASN A 332 -5.47 -0.37 -33.10
C ASN A 332 -6.37 -0.88 -31.93
N TYR A 333 -5.89 -1.76 -31.05
CA TYR A 333 -6.66 -2.31 -29.90
C TYR A 333 -7.02 -1.18 -28.93
N VAL A 334 -8.06 -1.35 -28.10
CA VAL A 334 -8.35 -0.36 -27.04
C VAL A 334 -8.10 -1.02 -25.69
N ILE A 335 -7.36 -0.35 -24.82
CA ILE A 335 -7.02 -0.84 -23.46
C ILE A 335 -8.24 -0.66 -22.52
N LEU A 336 -8.64 -1.73 -21.84
CA LEU A 336 -9.95 -1.77 -21.17
C LEU A 336 -10.01 -0.68 -20.10
N GLY A 337 -8.91 -0.45 -19.37
CA GLY A 337 -8.81 0.61 -18.34
C GLY A 337 -9.39 1.92 -18.87
N ASN A 338 -8.98 2.29 -20.09
CA ASN A 338 -9.31 3.61 -20.67
C ASN A 338 -10.79 3.60 -21.05
N TYR A 339 -11.25 2.49 -21.60
CA TYR A 339 -12.64 2.25 -22.05
C TYR A 339 -13.61 2.31 -20.85
N THR A 340 -13.26 1.67 -19.76
CA THR A 340 -14.14 1.62 -18.58
C THR A 340 -14.08 3.00 -17.90
N THR A 341 -12.93 3.67 -17.90
CA THR A 341 -12.84 5.08 -17.40
C THR A 341 -13.85 5.94 -18.19
N LEU A 342 -13.93 5.76 -19.52
CA LEU A 342 -14.83 6.51 -20.45
C LEU A 342 -16.28 6.18 -20.09
N MET A 343 -16.58 4.89 -19.83
CA MET A 343 -17.93 4.47 -19.38
C MET A 343 -18.29 5.24 -18.11
N PHE A 344 -17.36 5.34 -17.14
CA PHE A 344 -17.64 6.03 -15.87
C PHE A 344 -17.92 7.53 -16.13
N ASN A 345 -17.02 8.19 -16.86
CA ASN A 345 -17.08 9.67 -17.06
C ASN A 345 -18.40 10.03 -17.77
N ILE A 346 -18.80 9.14 -18.69
CA ILE A 346 -20.09 9.24 -19.39
C ILE A 346 -21.23 9.07 -18.37
N SER A 347 -21.16 8.07 -17.48
CA SER A 347 -22.25 7.80 -16.51
C SER A 347 -22.38 9.03 -15.60
N ARG A 348 -21.24 9.64 -15.20
CA ARG A 348 -21.23 10.85 -14.34
C ARG A 348 -21.82 12.04 -15.09
N ALA A 349 -21.46 12.22 -16.36
CA ALA A 349 -22.00 13.30 -17.21
C ALA A 349 -23.52 13.13 -17.36
N TYR A 350 -23.98 11.92 -17.73
CA TYR A 350 -25.42 11.57 -17.76
C TYR A 350 -26.14 12.03 -16.48
N VAL A 351 -25.68 11.60 -15.31
CA VAL A 351 -26.37 11.92 -14.02
C VAL A 351 -26.48 13.43 -13.88
N LEU A 352 -25.46 14.22 -14.22
CA LEU A 352 -25.38 15.69 -14.01
C LEU A 352 -26.08 16.48 -15.11
N GLU A 353 -26.37 15.87 -16.25
CA GLU A 353 -26.73 16.58 -17.50
C GLU A 353 -28.15 17.15 -17.37
N LYS A 354 -28.29 18.47 -17.55
CA LYS A 354 -29.60 19.18 -17.47
C LYS A 354 -30.31 19.12 -18.83
N ASP A 355 -29.59 19.23 -19.96
CA ASP A 355 -30.25 19.23 -21.31
C ASP A 355 -30.77 17.84 -21.62
N PRO A 356 -32.09 17.67 -21.84
CA PRO A 356 -32.65 16.36 -22.14
C PRO A 356 -32.08 15.63 -23.35
N THR A 357 -31.73 16.37 -24.42
CA THR A 357 -31.20 15.75 -25.66
C THR A 357 -29.79 15.19 -25.39
N GLN A 358 -28.88 15.99 -24.81
CA GLN A 358 -27.49 15.58 -24.47
C GLN A 358 -27.59 14.40 -23.51
N LYS A 359 -28.49 14.50 -22.54
CA LYS A 359 -28.65 13.46 -21.48
C LYS A 359 -29.00 12.15 -22.16
N ALA A 360 -29.96 12.13 -23.08
CA ALA A 360 -30.35 10.92 -23.85
C ALA A 360 -29.15 10.36 -24.65
N GLN A 361 -28.32 11.23 -25.21
CA GLN A 361 -27.18 10.81 -26.05
C GLN A 361 -26.17 10.07 -25.16
N LEU A 362 -25.94 10.58 -23.96
CA LEU A 362 -24.94 10.04 -22.99
C LEU A 362 -25.37 8.62 -22.62
N LYS A 363 -26.68 8.44 -22.44
CA LYS A 363 -27.24 7.13 -22.06
C LYS A 363 -27.01 6.15 -23.20
N GLN A 364 -27.32 6.57 -24.44
CA GLN A 364 -27.15 5.69 -25.62
C GLN A 364 -25.67 5.33 -25.75
N MET A 365 -24.76 6.28 -25.53
CA MET A 365 -23.30 6.01 -25.62
C MET A 365 -22.94 4.94 -24.55
N TYR A 366 -23.45 5.07 -23.33
CA TYR A 366 -23.11 4.13 -22.23
C TYR A 366 -23.63 2.73 -22.54
N LEU A 367 -24.83 2.61 -23.09
CA LEU A 367 -25.46 1.29 -23.34
C LEU A 367 -24.76 0.61 -24.53
N LEU A 368 -24.38 1.41 -25.53
CA LEU A 368 -23.65 0.88 -26.71
C LEU A 368 -22.28 0.40 -26.24
N MET A 369 -21.58 1.17 -25.41
CA MET A 369 -20.28 0.71 -24.86
C MET A 369 -20.49 -0.58 -24.05
N THR A 370 -21.60 -0.70 -23.31
CA THR A 370 -21.94 -1.90 -22.52
C THR A 370 -22.15 -3.07 -23.49
N LYS A 371 -22.92 -2.89 -24.55
CA LYS A 371 -23.26 -4.00 -25.48
C LYS A 371 -21.99 -4.51 -26.20
N HIS A 372 -21.12 -3.58 -26.59
CA HIS A 372 -19.82 -3.91 -27.26
C HIS A 372 -18.94 -4.72 -26.27
N LEU A 373 -18.89 -4.27 -25.01
CA LEU A 373 -18.02 -4.88 -23.96
C LEU A 373 -18.46 -6.32 -23.81
N LEU A 374 -19.76 -6.56 -23.66
CA LEU A 374 -20.33 -7.92 -23.51
C LEU A 374 -20.10 -8.74 -24.78
N ASP A 375 -20.23 -8.14 -25.95
CA ASP A 375 -20.11 -8.92 -27.22
C ASP A 375 -18.64 -9.32 -27.46
N GLN A 376 -17.71 -8.53 -26.94
CA GLN A 376 -16.25 -8.79 -27.00
C GLN A 376 -15.87 -9.96 -26.07
N GLY A 377 -16.81 -10.51 -25.31
CA GLY A 377 -16.62 -11.74 -24.51
C GLY A 377 -16.33 -11.45 -23.03
N PHE A 378 -16.52 -10.22 -22.57
CA PHE A 378 -16.47 -9.90 -21.11
C PHE A 378 -17.83 -10.23 -20.48
N VAL A 379 -18.06 -11.52 -20.26
CA VAL A 379 -19.34 -12.10 -19.75
C VAL A 379 -19.02 -13.24 -18.80
N LYS A 380 -20.01 -13.70 -18.08
CA LYS A 380 -19.91 -14.89 -17.21
C LYS A 380 -19.37 -16.08 -18.01
N GLY A 381 -18.36 -16.77 -17.49
CA GLY A 381 -17.97 -18.09 -18.07
C GLY A 381 -16.92 -17.94 -19.14
N SER A 382 -16.47 -16.71 -19.39
CA SER A 382 -15.47 -16.35 -20.42
C SER A 382 -14.21 -15.82 -19.71
N ALA A 383 -13.18 -16.67 -19.61
CA ALA A 383 -11.93 -16.32 -18.92
C ALA A 383 -11.15 -15.30 -19.75
N LEU A 384 -11.36 -15.30 -21.07
CA LEU A 384 -10.56 -14.50 -22.03
C LEU A 384 -9.05 -14.81 -21.87
N VAL A 385 -8.78 -16.10 -21.65
CA VAL A 385 -7.47 -16.70 -21.28
C VAL A 385 -7.06 -16.23 -19.87
N THR A 386 -7.02 -14.92 -19.60
CA THR A 386 -6.79 -14.39 -18.23
C THR A 386 -7.38 -12.99 -18.11
N THR A 387 -7.66 -12.57 -16.87
CA THR A 387 -8.06 -11.20 -16.50
C THR A 387 -7.36 -10.84 -15.18
N HIS A 388 -6.16 -11.36 -14.92
CA HIS A 388 -5.45 -11.06 -13.65
C HIS A 388 -5.20 -9.56 -13.59
N HIS A 389 -5.16 -9.06 -12.37
CA HIS A 389 -5.16 -7.62 -11.97
C HIS A 389 -6.40 -6.95 -12.55
N TRP A 390 -7.52 -7.68 -12.53
CA TRP A 390 -8.83 -7.26 -13.10
C TRP A 390 -9.21 -5.87 -12.61
N GLY A 391 -8.98 -5.57 -11.34
CA GLY A 391 -9.37 -4.26 -10.79
C GLY A 391 -8.78 -3.06 -11.55
N TYR A 392 -7.51 -3.08 -11.93
CA TYR A 392 -6.90 -1.96 -12.69
C TYR A 392 -7.69 -1.68 -13.96
N SER A 393 -8.31 -2.67 -14.62
CA SER A 393 -8.99 -2.51 -15.92
C SER A 393 -10.47 -2.17 -15.75
N SER A 394 -11.06 -2.43 -14.59
CA SER A 394 -12.54 -2.50 -14.45
C SER A 394 -13.08 -1.66 -13.29
N ARG A 395 -12.23 -1.13 -12.41
CA ARG A 395 -12.71 -0.51 -11.13
C ARG A 395 -13.81 0.52 -11.41
N TRP A 396 -13.68 1.33 -12.47
CA TRP A 396 -14.71 2.37 -12.73
C TRP A 396 -15.90 1.80 -13.51
N TRP A 397 -15.80 0.62 -14.14
CA TRP A 397 -17.01 -0.09 -14.64
C TRP A 397 -17.97 -0.41 -13.48
N TYR A 398 -17.47 -1.06 -12.46
CA TYR A 398 -18.30 -1.40 -11.28
C TYR A 398 -19.04 -0.14 -10.82
N ILE A 399 -18.31 0.96 -10.66
CA ILE A 399 -18.90 2.22 -10.10
C ILE A 399 -19.90 2.81 -11.10
N SER A 400 -19.60 2.78 -12.40
CA SER A 400 -20.55 3.25 -13.44
C SER A 400 -21.92 2.54 -13.33
N THR A 401 -22.01 1.27 -12.88
CA THR A 401 -23.30 0.53 -12.84
C THR A 401 -24.24 1.11 -11.77
N LEU A 402 -23.69 1.67 -10.70
CA LEU A 402 -24.48 2.38 -9.69
C LEU A 402 -25.22 3.53 -10.39
N LEU A 403 -24.48 4.37 -11.11
CA LEU A 403 -25.05 5.58 -11.76
C LEU A 403 -26.05 5.17 -12.85
N MET A 404 -25.80 4.05 -13.53
CA MET A 404 -26.59 3.60 -14.72
C MET A 404 -27.52 2.43 -14.38
N SER A 405 -27.83 2.18 -13.10
CA SER A 405 -28.58 0.99 -12.62
C SER A 405 -29.98 0.96 -13.25
N ASP A 406 -30.74 2.07 -13.22
CA ASP A 406 -32.07 2.16 -13.92
C ASP A 406 -31.90 2.03 -15.44
N ALA A 407 -30.88 2.65 -16.02
CA ALA A 407 -30.70 2.53 -17.49
C ALA A 407 -30.43 1.06 -17.87
N LEU A 408 -29.61 0.30 -17.13
CA LEU A 408 -29.36 -1.15 -17.43
C LEU A 408 -30.62 -2.00 -17.22
N LYS A 409 -31.39 -1.68 -16.18
CA LYS A 409 -32.71 -2.32 -15.88
C LYS A 409 -33.62 -2.17 -17.11
N GLU A 410 -33.84 -0.94 -17.56
CA GLU A 410 -34.76 -0.65 -18.70
C GLU A 410 -34.22 -1.39 -19.92
N ALA A 411 -32.90 -1.38 -20.14
CA ALA A 411 -32.30 -2.00 -21.36
C ALA A 411 -32.21 -3.52 -21.17
N ASN A 412 -32.54 -4.06 -19.99
CA ASN A 412 -32.50 -5.54 -19.80
C ASN A 412 -31.04 -6.05 -19.87
N LEU A 413 -30.11 -5.27 -19.34
CA LEU A 413 -28.65 -5.59 -19.31
C LEU A 413 -28.18 -5.82 -17.87
N GLN A 414 -28.99 -5.48 -16.85
CA GLN A 414 -28.53 -5.60 -15.44
C GLN A 414 -28.06 -7.04 -15.15
N THR A 415 -28.80 -8.06 -15.57
CA THR A 415 -28.46 -9.45 -15.14
C THR A 415 -27.16 -9.83 -15.86
N GLN A 416 -27.02 -9.46 -17.12
CA GLN A 416 -25.79 -9.84 -17.89
C GLN A 416 -24.57 -9.13 -17.29
N VAL A 417 -24.73 -7.88 -16.90
CA VAL A 417 -23.62 -7.07 -16.40
C VAL A 417 -23.24 -7.57 -14.98
N TYR A 418 -24.24 -7.96 -14.19
CA TYR A 418 -24.02 -8.48 -12.82
C TYR A 418 -23.25 -9.78 -12.94
N ASP A 419 -23.74 -10.70 -13.76
CA ASP A 419 -23.15 -12.05 -13.97
C ASP A 419 -21.70 -11.86 -14.39
N SER A 420 -21.45 -10.92 -15.31
CA SER A 420 -20.09 -10.62 -15.85
C SER A 420 -19.16 -10.14 -14.73
N LEU A 421 -19.54 -9.08 -14.02
CA LEU A 421 -18.70 -8.46 -12.97
C LEU A 421 -18.45 -9.48 -11.87
N LEU A 422 -19.44 -10.31 -11.54
CA LEU A 422 -19.34 -11.34 -10.47
C LEU A 422 -18.31 -12.39 -10.90
N TRP A 423 -18.42 -12.90 -12.11
CA TRP A 423 -17.43 -13.83 -12.72
C TRP A 423 -16.00 -13.29 -12.63
N TYR A 424 -15.71 -12.10 -13.19
CA TYR A 424 -14.32 -11.54 -13.17
C TYR A 424 -13.86 -11.20 -11.76
N SER A 425 -14.78 -10.87 -10.85
CA SER A 425 -14.46 -10.65 -9.41
C SER A 425 -13.93 -11.93 -8.75
N ARG A 426 -14.06 -13.09 -9.38
CA ARG A 426 -13.62 -14.33 -8.72
C ARG A 426 -12.13 -14.26 -8.39
N GLU A 427 -11.37 -13.43 -9.10
CA GLU A 427 -9.95 -13.17 -8.73
C GLU A 427 -9.89 -12.75 -7.27
N PHE A 428 -10.91 -12.06 -6.76
CA PHE A 428 -10.92 -11.42 -5.41
C PHE A 428 -11.73 -12.25 -4.41
N LYS A 429 -11.90 -13.53 -4.66
CA LYS A 429 -12.79 -14.42 -3.89
C LYS A 429 -12.41 -14.40 -2.43
N SER A 430 -11.12 -14.26 -2.08
CA SER A 430 -10.71 -14.26 -0.64
C SER A 430 -11.46 -13.14 0.10
N SER A 431 -11.70 -12.00 -0.52
CA SER A 431 -12.43 -10.87 0.11
C SER A 431 -13.91 -10.90 -0.29
N PHE A 432 -14.20 -11.13 -1.57
CA PHE A 432 -15.58 -10.99 -2.09
C PHE A 432 -16.50 -12.06 -1.50
N ASP A 433 -16.01 -13.24 -1.10
CA ASP A 433 -16.85 -14.29 -0.44
C ASP A 433 -17.41 -13.75 0.89
N MET A 434 -16.73 -12.83 1.51
CA MET A 434 -17.18 -12.07 2.69
C MET A 434 -17.15 -12.96 3.92
N LYS A 435 -16.30 -13.97 3.94
CA LYS A 435 -16.05 -14.68 5.23
C LYS A 435 -14.88 -14.01 5.92
N VAL A 436 -15.02 -13.56 7.17
CA VAL A 436 -13.90 -12.86 7.85
C VAL A 436 -12.80 -13.88 8.16
N SER A 437 -11.56 -13.57 7.81
CA SER A 437 -10.37 -14.42 8.02
C SER A 437 -9.20 -13.53 8.46
N ALA A 438 -8.05 -14.14 8.76
CA ALA A 438 -6.87 -13.40 9.22
C ALA A 438 -6.45 -12.40 8.15
N ASP A 439 -6.75 -12.64 6.89
CA ASP A 439 -6.30 -11.78 5.78
C ASP A 439 -7.34 -10.69 5.40
N SER A 440 -8.48 -10.61 6.08
CA SER A 440 -9.61 -9.74 5.68
C SER A 440 -9.31 -8.25 5.90
N SER A 441 -8.31 -7.91 6.71
CA SER A 441 -8.00 -6.51 7.06
C SER A 441 -7.04 -5.87 6.04
N ASP A 442 -6.91 -6.52 4.87
CA ASP A 442 -6.10 -6.11 3.71
C ASP A 442 -6.27 -4.59 3.44
N LEU A 443 -5.20 -3.81 3.51
CA LEU A 443 -5.35 -2.33 3.36
C LEU A 443 -5.47 -1.99 1.88
N ASP A 444 -4.89 -2.78 0.99
CA ASP A 444 -5.05 -2.44 -0.44
C ASP A 444 -6.53 -2.63 -0.80
N TYR A 445 -7.17 -3.71 -0.35
CA TYR A 445 -8.62 -3.93 -0.59
C TYR A 445 -9.40 -2.64 -0.27
N PHE A 446 -9.20 -2.03 0.91
CA PHE A 446 -9.97 -0.83 1.31
C PHE A 446 -9.78 0.27 0.25
N ASN A 447 -8.56 0.45 -0.20
CA ASN A 447 -8.21 1.43 -1.26
C ASN A 447 -8.86 1.02 -2.60
N THR A 448 -8.50 -0.12 -3.16
CA THR A 448 -8.68 -0.38 -4.60
C THR A 448 -10.02 -1.07 -4.91
N LEU A 449 -10.67 -1.72 -3.93
CA LEU A 449 -11.73 -2.72 -4.22
C LEU A 449 -12.98 -2.56 -3.34
N SER A 450 -12.94 -1.95 -2.18
CA SER A 450 -14.09 -2.01 -1.23
C SER A 450 -15.35 -1.39 -1.85
N ARG A 451 -15.25 -0.26 -2.54
CA ARG A 451 -16.46 0.41 -3.08
C ARG A 451 -16.94 -0.37 -4.31
N GLN A 452 -16.02 -1.01 -5.00
CA GLN A 452 -16.33 -1.85 -6.18
C GLN A 452 -17.15 -3.09 -5.72
N HIS A 453 -16.74 -3.62 -4.59
CA HIS A 453 -17.38 -4.81 -3.96
C HIS A 453 -18.82 -4.44 -3.62
N LEU A 454 -19.01 -3.32 -2.91
CA LEU A 454 -20.36 -2.85 -2.51
C LEU A 454 -21.20 -2.63 -3.79
N ALA A 455 -20.64 -2.00 -4.82
CA ALA A 455 -21.34 -1.76 -6.10
C ALA A 455 -21.84 -3.07 -6.70
N LEU A 456 -21.04 -4.12 -6.68
CA LEU A 456 -21.38 -5.41 -7.31
C LEU A 456 -22.59 -5.94 -6.53
N LEU A 457 -22.55 -5.84 -5.19
CA LEU A 457 -23.63 -6.40 -4.37
C LEU A 457 -24.92 -5.64 -4.71
N LEU A 458 -24.84 -4.33 -4.86
CA LEU A 458 -26.04 -3.51 -5.05
C LEU A 458 -26.64 -3.82 -6.43
N LEU A 459 -25.86 -4.41 -7.35
CA LEU A 459 -26.29 -4.73 -8.74
C LEU A 459 -26.99 -6.10 -8.79
N GLU A 460 -27.00 -6.82 -7.67
CA GLU A 460 -27.72 -8.10 -7.57
C GLU A 460 -29.19 -7.81 -7.85
N PRO A 461 -29.77 -8.53 -8.86
CA PRO A 461 -31.16 -8.33 -9.26
C PRO A 461 -32.26 -8.76 -8.28
N ASP A 462 -32.11 -9.80 -7.45
CA ASP A 462 -33.16 -10.19 -6.48
C ASP A 462 -33.04 -9.32 -5.22
N ASP A 463 -34.17 -8.87 -4.66
CA ASP A 463 -34.20 -7.93 -3.52
C ASP A 463 -33.70 -8.64 -2.26
N GLN A 464 -34.18 -9.85 -2.02
CA GLN A 464 -33.85 -10.60 -0.78
C GLN A 464 -32.35 -10.88 -0.82
N LYS A 465 -31.85 -11.30 -1.95
CA LYS A 465 -30.43 -11.65 -2.07
C LYS A 465 -29.59 -10.40 -1.88
N ARG A 466 -29.97 -9.29 -2.51
CA ARG A 466 -29.26 -8.00 -2.38
C ARG A 466 -29.19 -7.63 -0.89
N ILE A 467 -30.28 -7.72 -0.17
CA ILE A 467 -30.28 -7.34 1.25
C ILE A 467 -29.36 -8.30 2.03
N ASN A 468 -29.38 -9.59 1.71
CA ASN A 468 -28.52 -10.60 2.38
C ASN A 468 -27.06 -10.26 2.10
N LEU A 469 -26.72 -9.93 0.86
CA LEU A 469 -25.33 -9.65 0.47
C LEU A 469 -24.86 -8.40 1.22
N VAL A 470 -25.69 -7.33 1.27
CA VAL A 470 -25.22 -6.07 1.90
C VAL A 470 -25.19 -6.21 3.41
N ASN A 471 -26.13 -6.92 4.02
CA ASN A 471 -26.04 -7.28 5.46
C ASN A 471 -24.70 -8.01 5.75
N THR A 472 -24.40 -9.01 4.95
CA THR A 472 -23.16 -9.79 5.15
C THR A 472 -21.93 -8.90 4.94
N PHE A 473 -21.99 -8.00 3.96
CA PHE A 473 -20.91 -7.03 3.69
C PHE A 473 -20.64 -6.15 4.90
N SER A 474 -21.69 -5.72 5.56
CA SER A 474 -21.59 -4.85 6.75
C SER A 474 -20.89 -5.63 7.87
N HIS A 475 -21.26 -6.90 8.01
CA HIS A 475 -20.63 -7.78 9.00
C HIS A 475 -19.14 -7.97 8.64
N TYR A 476 -18.81 -8.15 7.39
CA TYR A 476 -17.44 -8.41 6.89
C TYR A 476 -16.54 -7.19 7.17
N ILE A 477 -17.04 -6.00 6.84
CA ILE A 477 -16.32 -4.74 7.06
C ILE A 477 -16.13 -4.48 8.55
N THR A 478 -17.15 -4.67 9.37
CA THR A 478 -17.04 -4.58 10.86
C THR A 478 -15.93 -5.49 11.34
N GLY A 479 -15.92 -6.77 10.93
CA GLY A 479 -14.88 -7.70 11.41
C GLY A 479 -13.50 -7.25 10.93
N ALA A 480 -13.40 -6.83 9.67
CA ALA A 480 -12.11 -6.46 9.07
C ALA A 480 -11.58 -5.24 9.86
N LEU A 481 -12.46 -4.30 10.21
CA LEU A 481 -12.02 -3.07 10.92
C LEU A 481 -11.90 -3.30 12.44
N THR A 482 -12.33 -4.43 12.97
CA THR A 482 -12.36 -4.64 14.46
C THR A 482 -11.20 -5.57 14.89
N GLN A 483 -11.04 -6.68 14.18
CA GLN A 483 -10.11 -7.79 14.54
C GLN A 483 -8.69 -7.25 14.64
N VAL A 484 -7.91 -7.86 15.49
CA VAL A 484 -6.43 -7.66 15.53
C VAL A 484 -5.85 -8.82 14.75
N PRO A 485 -5.37 -8.57 13.52
CA PRO A 485 -4.82 -9.66 12.73
C PRO A 485 -3.58 -10.19 13.45
N PRO A 486 -3.37 -11.51 13.37
CA PRO A 486 -2.20 -12.15 13.93
C PRO A 486 -0.94 -11.78 13.15
N GLY A 487 0.17 -11.74 13.89
CA GLY A 487 1.51 -11.60 13.31
C GLY A 487 1.62 -10.32 12.55
N GLY A 488 2.17 -10.41 11.34
CA GLY A 488 2.36 -9.23 10.48
C GLY A 488 1.25 -8.95 9.47
N LYS A 489 0.11 -9.63 9.57
CA LYS A 489 -0.92 -9.56 8.52
C LYS A 489 -1.43 -8.14 8.43
N ASP A 490 -1.95 -7.73 7.27
CA ASP A 490 -2.51 -6.35 7.14
C ASP A 490 -3.55 -6.05 8.21
N GLY A 491 -3.53 -4.79 8.68
CA GLY A 491 -4.76 -4.18 9.21
C GLY A 491 -4.45 -3.24 10.35
N LEU A 492 -5.49 -2.81 11.02
CA LEU A 492 -5.30 -1.87 12.16
C LEU A 492 -4.71 -2.63 13.33
N ARG A 493 -4.08 -1.91 14.26
CA ARG A 493 -3.46 -2.51 15.47
C ARG A 493 -3.92 -1.69 16.67
N PRO A 494 -3.83 -2.30 17.85
CA PRO A 494 -4.37 -1.65 19.04
C PRO A 494 -3.69 -0.40 19.56
N ASP A 495 -2.50 -0.09 19.08
CA ASP A 495 -1.83 1.19 19.42
C ASP A 495 -2.18 2.24 18.36
N GLY A 496 -2.98 1.89 17.33
CA GLY A 496 -3.35 2.86 16.30
C GLY A 496 -2.47 2.78 15.06
N THR A 497 -1.44 1.93 15.03
CA THR A 497 -0.65 1.66 13.82
C THR A 497 -1.54 0.89 12.85
N ALA A 498 -1.12 0.85 11.60
CA ALA A 498 -1.90 0.23 10.54
C ALA A 498 -0.92 -0.37 9.55
N TRP A 499 -1.05 -1.68 9.31
CA TRP A 499 0.04 -2.49 8.74
C TRP A 499 -0.28 -2.98 7.31
N ARG A 500 0.73 -2.92 6.43
CA ARG A 500 0.81 -3.65 5.15
C ARG A 500 2.28 -3.95 4.92
N HIS A 501 2.60 -4.97 4.12
CA HIS A 501 4.02 -5.43 3.96
C HIS A 501 4.59 -5.70 5.37
N GLU A 502 3.74 -6.16 6.28
CA GLU A 502 4.12 -6.74 7.59
C GLU A 502 4.72 -5.64 8.48
N GLY A 503 4.31 -4.38 8.31
CA GLY A 503 4.66 -3.33 9.30
C GLY A 503 3.78 -2.11 9.18
N ASN A 504 3.82 -1.25 10.20
CA ASN A 504 3.14 0.05 10.10
C ASN A 504 3.55 0.75 8.79
N TYR A 505 2.58 1.20 7.99
CA TYR A 505 2.91 1.67 6.62
C TYR A 505 1.94 2.75 6.22
N PRO A 506 2.19 4.03 6.58
CA PRO A 506 1.29 5.13 6.21
C PRO A 506 1.00 5.24 4.70
N GLY A 507 1.98 4.98 3.84
CA GLY A 507 1.79 4.99 2.39
C GLY A 507 0.64 4.09 1.93
N TYR A 508 0.37 2.98 2.63
CA TYR A 508 -0.79 2.09 2.39
C TYR A 508 -1.97 2.42 3.30
N SER A 509 -1.74 2.72 4.57
CA SER A 509 -2.86 2.99 5.52
C SER A 509 -3.66 4.24 5.13
N PHE A 510 -3.02 5.30 4.63
CA PHE A 510 -3.69 6.61 4.42
C PHE A 510 -4.81 6.44 3.41
N PRO A 511 -4.54 5.88 2.20
CA PRO A 511 -5.64 5.61 1.27
C PRO A 511 -6.75 4.67 1.80
N ALA A 512 -6.41 3.63 2.55
CA ALA A 512 -7.36 2.75 3.26
C ALA A 512 -8.22 3.52 4.28
N PHE A 513 -7.64 4.44 5.04
CA PHE A 513 -8.40 5.30 6.01
C PHE A 513 -9.45 6.07 5.23
N LYS A 514 -9.05 6.66 4.11
CA LYS A 514 -9.98 7.50 3.36
C LYS A 514 -11.22 6.69 2.92
N ASN A 515 -11.01 5.56 2.22
CA ASN A 515 -12.12 4.71 1.68
C ASN A 515 -12.84 3.94 2.78
N ALA A 516 -12.19 3.42 3.81
CA ALA A 516 -12.91 2.76 4.93
C ALA A 516 -13.84 3.75 5.67
N SER A 517 -13.37 4.97 5.95
CA SER A 517 -14.20 6.06 6.48
C SER A 517 -15.38 6.28 5.51
N GLN A 518 -15.10 6.42 4.23
CA GLN A 518 -16.21 6.62 3.26
C GLN A 518 -17.24 5.48 3.31
N LEU A 519 -16.80 4.23 3.41
CA LEU A 519 -17.72 3.06 3.48
C LEU A 519 -18.62 3.18 4.68
N ILE A 520 -18.04 3.41 5.84
CA ILE A 520 -18.82 3.56 7.09
C ILE A 520 -19.87 4.67 6.84
N TYR A 521 -19.45 5.80 6.27
CA TYR A 521 -20.33 6.97 6.04
C TYR A 521 -21.44 6.56 5.05
N LEU A 522 -21.12 5.85 4.00
CA LEU A 522 -22.17 5.39 3.03
C LEU A 522 -23.26 4.53 3.70
N LEU A 523 -22.90 3.67 4.67
CA LEU A 523 -23.83 2.76 5.39
C LEU A 523 -24.45 3.38 6.64
N ARG A 524 -24.10 4.63 7.02
CA ARG A 524 -24.46 5.18 8.34
C ARG A 524 -25.98 5.27 8.49
N ASP A 525 -26.43 5.07 9.71
CA ASP A 525 -27.83 5.36 10.10
C ASP A 525 -28.76 4.52 9.26
N THR A 526 -28.37 3.29 8.94
CA THR A 526 -29.25 2.33 8.23
C THR A 526 -29.16 1.01 8.98
N PRO A 527 -30.01 0.02 8.64
CA PRO A 527 -29.80 -1.35 9.16
C PRO A 527 -28.50 -2.03 8.71
N PHE A 528 -27.75 -1.39 7.85
CA PHE A 528 -26.48 -1.93 7.28
C PHE A 528 -25.25 -1.21 7.83
N SER A 529 -25.43 -0.36 8.81
CA SER A 529 -24.32 0.47 9.36
C SER A 529 -23.22 -0.45 9.95
N VAL A 530 -21.98 -0.04 9.78
CA VAL A 530 -20.83 -0.74 10.37
C VAL A 530 -20.90 -0.73 11.90
N GLY A 531 -20.57 -1.84 12.52
CA GLY A 531 -20.59 -1.91 13.99
C GLY A 531 -19.68 -0.88 14.64
N GLU A 532 -20.05 -0.48 15.82
CA GLU A 532 -19.37 0.61 16.55
C GLU A 532 -17.94 0.14 16.82
N SER A 533 -17.72 -1.16 16.98
CA SER A 533 -16.33 -1.65 17.28
C SER A 533 -15.39 -1.27 16.11
N GLY A 534 -15.89 -1.33 14.88
CA GLY A 534 -15.07 -1.01 13.69
C GLY A 534 -14.85 0.50 13.57
N TRP A 535 -15.87 1.27 13.83
CA TRP A 535 -15.79 2.76 13.91
C TRP A 535 -14.77 3.17 14.96
N ASN A 536 -14.83 2.60 16.17
CA ASN A 536 -13.91 2.95 17.26
C ASN A 536 -12.47 2.66 16.84
N ASN A 537 -12.23 1.52 16.20
CA ASN A 537 -10.85 1.09 15.92
C ASN A 537 -10.28 2.03 14.84
N LEU A 538 -11.10 2.37 13.86
CA LEU A 538 -10.66 3.22 12.76
C LEU A 538 -10.45 4.63 13.33
N LYS A 539 -11.30 5.07 14.24
CA LYS A 539 -11.07 6.39 14.90
C LYS A 539 -9.69 6.39 15.54
N LYS A 540 -9.33 5.37 16.30
CA LYS A 540 -8.02 5.32 16.99
C LYS A 540 -6.90 5.52 15.95
N ALA A 541 -6.98 4.79 14.84
CA ALA A 541 -5.94 4.78 13.78
C ALA A 541 -5.86 6.14 13.13
N MET A 542 -7.00 6.80 12.95
CA MET A 542 -7.02 8.08 12.24
C MET A 542 -6.63 9.22 13.19
N VAL A 543 -6.99 9.14 14.46
CA VAL A 543 -6.48 10.16 15.44
C VAL A 543 -4.95 9.95 15.59
N SER A 544 -4.50 8.71 15.60
CA SER A 544 -3.03 8.39 15.64
C SER A 544 -2.37 9.09 14.45
N ALA A 545 -2.92 8.95 13.22
CA ALA A 545 -2.33 9.51 11.98
C ALA A 545 -2.21 11.04 12.12
N TRP A 546 -3.21 11.70 12.69
CA TRP A 546 -3.18 13.15 13.00
C TRP A 546 -2.02 13.44 13.93
N ILE A 547 -1.73 12.54 14.89
CA ILE A 547 -0.61 12.79 15.85
C ILE A 547 0.75 12.61 15.15
N TYR A 548 0.93 11.61 14.28
CA TYR A 548 2.27 11.30 13.71
C TYR A 548 2.50 11.96 12.35
N SER A 549 1.68 12.93 11.96
CA SER A 549 1.88 13.62 10.66
C SER A 549 1.84 15.14 10.91
N ASN A 550 2.50 15.96 10.08
CA ASN A 550 2.60 17.40 10.44
C ASN A 550 2.73 18.33 9.24
N PRO A 551 1.95 18.26 8.14
CA PRO A 551 0.92 17.26 7.90
C PRO A 551 1.37 16.00 7.12
N GLU A 552 2.64 15.98 6.67
CA GLU A 552 3.31 14.75 6.13
C GLU A 552 3.81 13.88 7.30
N VAL A 553 3.81 12.56 7.15
CA VAL A 553 4.55 11.71 8.12
C VAL A 553 6.04 12.00 7.92
N GLY A 554 6.82 11.80 8.98
CA GLY A 554 8.28 12.05 8.92
C GLY A 554 8.99 11.10 7.97
N LEU A 555 10.22 11.47 7.65
CA LEU A 555 11.16 10.61 6.88
C LEU A 555 11.18 9.21 7.45
N PRO A 556 11.17 9.01 8.78
CA PRO A 556 11.20 7.64 9.32
C PRO A 556 9.97 6.78 9.03
N LEU A 557 8.83 7.42 8.73
CA LEU A 557 7.53 6.73 8.44
C LEU A 557 7.26 6.71 6.92
N ALA A 558 8.24 7.09 6.08
CA ALA A 558 8.02 7.28 4.63
C ALA A 558 8.01 5.94 3.91
N GLY A 559 8.28 4.84 4.62
CA GLY A 559 8.43 3.56 3.94
C GLY A 559 9.49 3.65 2.84
N ARG A 560 9.21 3.08 1.67
CA ARG A 560 10.22 3.01 0.59
C ARG A 560 10.17 4.29 -0.24
N HIS A 561 9.50 5.34 0.22
CA HIS A 561 9.38 6.63 -0.53
C HIS A 561 9.88 7.80 0.30
N PRO A 562 11.13 7.75 0.80
CA PRO A 562 11.69 8.90 1.50
C PRO A 562 11.67 10.17 0.64
N PHE A 563 11.30 11.30 1.27
CA PHE A 563 11.16 12.60 0.59
C PHE A 563 9.90 12.62 -0.28
N ASN A 564 9.03 11.61 -0.18
CA ASN A 564 7.68 11.72 -0.80
C ASN A 564 6.67 11.13 0.18
N SER A 565 6.72 11.58 1.43
CA SER A 565 5.86 11.09 2.52
C SER A 565 4.40 11.25 2.14
N PRO A 566 3.51 10.31 2.51
CA PRO A 566 2.10 10.61 2.45
C PRO A 566 1.73 11.79 3.37
N SER A 567 0.70 12.49 3.00
CA SER A 567 0.22 13.69 3.72
C SER A 567 -1.18 13.37 4.22
N LEU A 568 -1.47 13.79 5.43
CA LEU A 568 -2.86 13.74 5.93
C LEU A 568 -3.80 14.56 5.04
N LYS A 569 -3.29 15.51 4.25
CA LYS A 569 -4.14 16.32 3.35
C LYS A 569 -4.92 15.37 2.44
N SER A 570 -4.33 14.28 1.99
CA SER A 570 -5.00 13.32 1.06
C SER A 570 -6.11 12.52 1.77
N VAL A 571 -6.13 12.50 3.08
CA VAL A 571 -7.07 11.70 3.92
C VAL A 571 -8.16 12.63 4.49
N ALA A 572 -8.07 13.94 4.29
CA ALA A 572 -8.91 14.96 4.98
C ALA A 572 -10.40 14.52 4.99
N GLN A 573 -10.95 14.20 3.82
CA GLN A 573 -12.41 13.94 3.70
C GLN A 573 -12.80 12.78 4.61
N GLY A 574 -11.87 11.83 4.82
CA GLY A 574 -12.12 10.69 5.73
C GLY A 574 -12.48 11.15 7.12
N TYR A 575 -11.94 12.30 7.56
CA TYR A 575 -12.20 12.78 8.95
C TYR A 575 -13.64 13.28 9.00
N TYR A 576 -14.11 13.93 7.97
CA TYR A 576 -15.52 14.38 7.93
C TYR A 576 -16.45 13.15 7.89
N TRP A 577 -16.13 12.18 7.04
CA TRP A 577 -16.95 10.97 6.86
C TRP A 577 -16.98 10.19 8.17
N LEU A 578 -15.86 10.06 8.85
CA LEU A 578 -15.91 9.29 10.11
C LEU A 578 -16.63 10.13 11.17
N ALA A 579 -16.40 11.44 11.20
CA ALA A 579 -17.05 12.31 12.20
C ALA A 579 -18.58 12.22 12.03
N MET A 580 -19.06 12.21 10.79
CA MET A 580 -20.52 12.28 10.54
C MET A 580 -21.16 10.88 10.62
N SER A 581 -20.41 9.80 10.84
CA SER A 581 -20.97 8.43 10.88
C SER A 581 -20.82 7.88 12.30
N ALA A 582 -20.56 8.73 13.26
CA ALA A 582 -20.57 8.36 14.69
C ALA A 582 -22.00 8.01 15.15
N LYS A 583 -22.10 7.15 16.15
CA LYS A 583 -23.41 6.79 16.72
C LYS A 583 -24.06 8.07 17.21
N SER A 584 -23.27 8.96 17.79
CA SER A 584 -23.70 10.29 18.27
C SER A 584 -22.95 11.36 17.45
N SER A 585 -23.44 11.61 16.25
CA SER A 585 -22.77 12.43 15.22
C SER A 585 -23.10 13.88 15.49
N PRO A 586 -22.19 14.80 15.20
CA PRO A 586 -20.85 14.50 14.76
C PRO A 586 -19.90 14.21 15.92
N ASP A 587 -18.92 13.34 15.69
CA ASP A 587 -17.80 13.18 16.64
C ASP A 587 -16.99 14.49 16.67
N LYS A 588 -16.93 15.22 17.79
CA LYS A 588 -16.29 16.58 17.82
C LYS A 588 -14.78 16.48 17.61
N THR A 589 -14.11 15.45 18.14
CA THR A 589 -12.67 15.23 17.87
C THR A 589 -12.42 15.09 16.36
N LEU A 590 -13.04 14.12 15.68
CA LEU A 590 -12.74 13.90 14.25
C LEU A 590 -13.15 15.17 13.47
N ALA A 591 -14.25 15.82 13.83
CA ALA A 591 -14.72 17.03 13.14
C ALA A 591 -13.68 18.14 13.29
N SER A 592 -13.12 18.33 14.48
CA SER A 592 -12.11 19.38 14.74
C SER A 592 -10.84 19.11 13.92
N ILE A 593 -10.47 17.84 13.78
CA ILE A 593 -9.30 17.47 12.96
C ILE A 593 -9.60 17.73 11.47
N TYR A 594 -10.79 17.38 10.98
CA TYR A 594 -11.15 17.67 9.57
C TYR A 594 -10.94 19.16 9.30
N LEU A 595 -11.49 20.00 10.18
CA LEU A 595 -11.40 21.47 10.00
C LEU A 595 -9.92 21.88 9.95
N ALA A 596 -9.07 21.40 10.88
CA ALA A 596 -7.64 21.79 10.89
C ALA A 596 -6.93 21.31 9.63
N ILE A 597 -7.10 20.04 9.27
N ILE A 597 -7.04 20.02 9.27
CA ILE A 597 -6.34 19.45 8.13
CA ILE A 597 -6.34 19.48 8.07
C ILE A 597 -6.81 20.09 6.80
C ILE A 597 -6.76 20.27 6.84
N SER A 598 -8.06 20.55 6.71
CA SER A 598 -8.60 21.11 5.46
C SER A 598 -8.52 22.64 5.49
N ASP A 599 -7.92 23.23 6.54
CA ASP A 599 -7.70 24.69 6.66
C ASP A 599 -9.05 25.42 6.65
N LYS A 600 -10.05 24.88 7.34
CA LYS A 600 -11.38 25.54 7.47
C LYS A 600 -11.51 26.13 8.87
N THR A 601 -12.28 27.21 8.94
CA THR A 601 -12.40 28.06 10.16
C THR A 601 -13.52 27.54 11.05
N GLN A 602 -13.55 28.04 12.27
CA GLN A 602 -14.71 27.84 13.15
C GLN A 602 -16.00 28.36 12.49
N ASN A 603 -15.91 29.47 11.76
CA ASN A 603 -17.09 30.16 11.14
C ASN A 603 -17.75 29.19 10.15
N GLU A 604 -16.91 28.47 9.43
CA GLU A 604 -17.30 27.49 8.37
C GLU A 604 -17.87 26.20 8.97
N SER A 605 -17.73 25.98 10.26
CA SER A 605 -18.00 24.65 10.86
C SER A 605 -19.51 24.35 10.94
N THR A 606 -20.34 25.36 11.16
CA THR A 606 -21.77 25.12 11.46
C THR A 606 -22.41 24.51 10.23
N ALA A 607 -22.11 25.08 9.07
CA ALA A 607 -22.70 24.60 7.81
C ALA A 607 -22.22 23.16 7.56
N ILE A 608 -21.03 22.75 8.02
CA ILE A 608 -20.44 21.42 7.66
C ILE A 608 -21.00 20.36 8.60
N PHE A 609 -21.00 20.68 9.89
CA PHE A 609 -21.29 19.67 10.92
C PHE A 609 -22.60 19.94 11.63
N GLY A 610 -23.25 21.11 11.40
CA GLY A 610 -24.55 21.45 12.02
C GLY A 610 -24.41 21.93 13.45
N GLU A 611 -23.19 22.24 13.82
CA GLU A 611 -22.92 22.89 15.10
C GLU A 611 -21.53 23.50 14.99
N THR A 612 -21.25 24.50 15.83
CA THR A 612 -19.96 25.25 15.83
C THR A 612 -18.90 24.34 16.43
N ILE A 613 -17.82 24.13 15.71
CA ILE A 613 -16.71 23.29 16.23
C ILE A 613 -15.43 24.04 15.98
N THR A 614 -14.62 24.23 17.01
CA THR A 614 -13.30 24.86 16.88
C THR A 614 -12.31 23.90 16.18
N PRO A 615 -11.62 24.37 15.11
CA PRO A 615 -10.58 23.56 14.45
C PRO A 615 -9.54 23.09 15.46
N ALA A 616 -9.14 21.82 15.34
CA ALA A 616 -8.25 21.16 16.29
C ALA A 616 -6.95 21.98 16.35
N SER A 617 -6.44 22.24 17.55
CA SER A 617 -5.05 22.77 17.58
C SER A 617 -4.08 21.57 17.48
N LEU A 618 -2.81 21.82 17.16
CA LEU A 618 -1.90 20.68 16.99
C LEU A 618 -1.77 19.94 18.30
N PRO A 619 -1.72 18.60 18.22
CA PRO A 619 -1.63 17.80 19.42
C PRO A 619 -0.30 18.09 20.12
N GLN A 620 -0.30 17.96 21.45
CA GLN A 620 0.87 18.29 22.30
C GLN A 620 1.15 17.11 23.22
N GLY A 621 2.44 16.83 23.50
CA GLY A 621 2.84 15.79 24.44
C GLY A 621 3.49 14.65 23.71
N PHE A 622 3.41 13.45 24.28
CA PHE A 622 4.21 12.34 23.75
C PHE A 622 3.28 11.15 23.56
N TYR A 623 3.50 10.48 22.44
CA TYR A 623 2.67 9.33 22.05
C TYR A 623 3.55 8.20 21.55
N ALA A 624 3.38 7.02 22.11
CA ALA A 624 4.23 5.86 21.84
C ALA A 624 3.50 4.96 20.85
N PHE A 625 4.19 4.57 19.78
CA PHE A 625 3.66 3.70 18.70
C PHE A 625 4.64 2.56 18.43
N ASN A 626 4.67 1.56 19.30
CA ASN A 626 5.65 0.45 19.19
C ASN A 626 5.27 -0.46 18.03
N GLY A 627 4.09 -0.31 17.45
CA GLY A 627 3.78 -1.00 16.18
C GLY A 627 4.82 -0.68 15.10
N GLY A 628 5.43 0.51 15.13
CA GLY A 628 6.56 0.86 14.23
C GLY A 628 7.82 1.17 15.04
N ALA A 629 7.90 0.72 16.31
CA ALA A 629 9.04 1.01 17.22
C ALA A 629 9.35 2.52 17.13
N PHE A 630 8.30 3.35 17.10
CA PHE A 630 8.42 4.83 17.12
C PHE A 630 7.62 5.46 18.26
N GLY A 631 7.89 6.76 18.40
CA GLY A 631 7.09 7.65 19.24
C GLY A 631 7.11 9.01 18.66
N ILE A 632 6.19 9.84 19.09
CA ILE A 632 6.04 11.22 18.57
C ILE A 632 6.04 12.17 19.75
N HIS A 633 6.97 13.10 19.75
CA HIS A 633 7.01 14.21 20.73
C HIS A 633 6.49 15.45 20.05
N ARG A 634 5.49 16.11 20.65
CA ARG A 634 4.94 17.37 20.05
C ARG A 634 4.98 18.51 21.05
N TRP A 635 5.45 19.65 20.55
CA TRP A 635 5.60 20.91 21.32
C TRP A 635 5.36 22.07 20.34
N GLN A 636 4.40 22.91 20.67
CA GLN A 636 3.96 24.01 19.77
C GLN A 636 3.68 23.44 18.39
N ASP A 637 4.29 23.95 17.34
CA ASP A 637 4.01 23.46 15.95
C ASP A 637 5.01 22.37 15.50
N LYS A 638 5.86 21.88 16.39
CA LYS A 638 6.83 20.83 16.03
C LYS A 638 6.45 19.43 16.49
N MET A 639 6.80 18.50 15.63
CA MET A 639 6.70 17.05 15.86
C MET A 639 8.12 16.50 15.76
N VAL A 640 8.48 15.62 16.67
CA VAL A 640 9.74 14.90 16.57
C VAL A 640 9.34 13.43 16.45
N THR A 641 9.74 12.78 15.34
CA THR A 641 9.61 11.33 15.13
C THR A 641 10.85 10.57 15.61
N LEU A 642 10.69 9.84 16.70
CA LEU A 642 11.76 9.04 17.33
C LEU A 642 11.55 7.62 16.84
N LYS A 643 12.51 7.05 16.17
CA LYS A 643 12.25 5.75 15.51
C LYS A 643 13.40 4.80 15.68
N ALA A 644 13.08 3.58 16.14
CA ALA A 644 14.01 2.47 16.27
C ALA A 644 13.53 1.31 15.36
N TYR A 645 14.06 0.10 15.57
CA TYR A 645 13.53 -1.09 14.88
C TYR A 645 13.98 -2.29 15.69
N ASN A 646 13.44 -3.47 15.36
CA ASN A 646 13.64 -4.67 16.21
C ASN A 646 13.25 -5.90 15.40
N THR A 647 13.21 -7.08 16.01
CA THR A 647 12.78 -8.33 15.30
C THR A 647 11.43 -8.13 14.63
N ASN A 648 10.49 -7.36 15.23
CA ASN A 648 9.13 -7.30 14.66
C ASN A 648 8.90 -6.07 13.75
N VAL A 649 9.85 -5.17 13.70
CA VAL A 649 9.74 -3.89 12.96
C VAL A 649 10.90 -3.81 11.99
N TRP A 650 10.64 -3.93 10.69
CA TRP A 650 11.73 -3.74 9.72
C TRP A 650 12.28 -2.31 9.79
N SER A 651 13.59 -2.16 9.67
CA SER A 651 14.30 -0.87 9.67
C SER A 651 13.83 -0.03 8.50
N SER A 652 13.71 -0.66 7.33
CA SER A 652 13.46 -0.01 6.04
C SER A 652 12.85 -1.07 5.07
N GLU A 653 12.03 -0.60 4.17
CA GLU A 653 11.69 -1.34 2.95
C GLU A 653 12.53 -0.81 1.81
N ILE A 654 13.28 -1.71 1.21
CA ILE A 654 14.16 -1.39 0.05
C ILE A 654 13.80 -2.37 -1.06
N TYR A 655 13.45 -1.81 -2.20
CA TYR A 655 13.12 -2.61 -3.42
C TYR A 655 14.18 -2.35 -4.50
N ASN A 656 14.07 -3.11 -5.60
CA ASN A 656 14.93 -3.01 -6.79
C ASN A 656 15.11 -1.54 -7.16
N LYS A 657 14.05 -0.75 -7.18
CA LYS A 657 14.17 0.70 -7.52
C LYS A 657 13.45 1.59 -6.50
N ASP A 658 13.65 1.31 -5.22
CA ASP A 658 13.04 2.15 -4.17
C ASP A 658 13.94 2.14 -2.95
N ASN A 659 14.26 3.32 -2.43
CA ASN A 659 14.82 3.48 -1.03
C ASN A 659 16.18 2.78 -0.97
N ARG A 660 16.94 2.83 -2.04
CA ARG A 660 18.20 2.04 -2.13
C ARG A 660 19.20 2.35 -0.98
N TYR A 661 19.24 3.58 -0.47
CA TYR A 661 20.19 4.08 0.53
C TYR A 661 19.52 4.22 1.90
N GLY A 662 18.41 3.54 2.06
CA GLY A 662 17.56 3.66 3.26
C GLY A 662 18.03 2.90 4.48
N ARG A 663 19.24 2.38 4.49
CA ARG A 663 19.67 1.47 5.59
C ARG A 663 19.42 2.11 6.96
N TYR A 664 19.61 3.42 7.09
CA TYR A 664 19.62 4.11 8.41
C TYR A 664 18.28 4.76 8.76
N GLN A 665 17.25 4.49 7.99
CA GLN A 665 15.90 5.09 8.15
C GLN A 665 15.41 5.01 9.60
N SER A 666 15.76 3.97 10.36
CA SER A 666 15.20 3.71 11.70
C SER A 666 16.33 3.59 12.74
N HIS A 667 17.49 4.19 12.49
CA HIS A 667 18.70 3.96 13.33
C HIS A 667 18.65 4.91 14.58
N GLY A 668 17.56 4.91 15.31
CA GLY A 668 17.45 5.82 16.50
C GLY A 668 17.29 7.28 16.05
N VAL A 669 16.65 7.42 14.91
CA VAL A 669 16.38 8.75 14.32
C VAL A 669 15.45 9.56 15.24
N ALA A 670 15.53 10.84 15.09
CA ALA A 670 14.74 11.88 15.83
C ALA A 670 14.54 13.07 14.90
N GLN A 671 13.77 12.86 13.85
CA GLN A 671 13.55 13.91 12.83
C GLN A 671 12.59 15.00 13.37
N ILE A 672 13.06 16.26 13.38
CA ILE A 672 12.22 17.39 13.83
C ILE A 672 11.50 18.02 12.63
N VAL A 673 10.19 18.15 12.73
CA VAL A 673 9.36 18.75 11.64
C VAL A 673 8.38 19.78 12.23
N SER A 674 8.49 21.02 11.78
CA SER A 674 7.47 22.05 12.04
C SER A 674 6.30 21.85 11.10
N ASN A 675 5.13 22.28 11.56
CA ASN A 675 3.89 22.13 10.77
C ASN A 675 4.08 22.77 9.38
N GLY A 676 3.88 21.99 8.32
CA GLY A 676 4.10 22.51 6.96
C GLY A 676 4.97 21.58 6.14
N SER A 677 5.38 22.04 4.98
CA SER A 677 6.14 21.24 4.01
C SER A 677 7.50 20.86 4.60
N GLN A 678 7.86 19.59 4.57
CA GLN A 678 9.21 19.13 5.00
C GLN A 678 10.24 19.61 3.97
N LEU A 679 9.89 19.71 2.69
CA LEU A 679 10.83 20.22 1.68
C LEU A 679 11.18 21.69 2.04
N SER A 680 10.19 22.48 2.41
CA SER A 680 10.37 23.92 2.80
C SER A 680 11.25 24.04 4.04
N GLN A 681 11.39 22.98 4.84
CA GLN A 681 12.30 23.00 6.05
C GLN A 681 13.67 22.42 5.72
N GLY A 682 13.91 22.16 4.45
CA GLY A 682 15.25 21.75 4.01
C GLY A 682 15.42 20.24 3.96
N TYR A 683 14.35 19.46 4.08
CA TYR A 683 14.45 17.99 3.86
C TYR A 683 14.31 17.80 2.34
N GLN A 684 15.43 18.01 1.66
CA GLN A 684 15.65 18.06 0.18
C GLN A 684 16.41 16.80 -0.24
N GLN A 685 15.83 15.99 -1.13
CA GLN A 685 16.48 14.72 -1.52
C GLN A 685 17.79 15.00 -2.26
N GLU A 686 17.80 16.02 -3.11
CA GLU A 686 19.00 16.29 -3.92
C GLU A 686 20.18 16.68 -3.03
N GLY A 687 21.23 15.88 -3.09
CA GLY A 687 22.47 16.11 -2.34
C GLY A 687 22.37 15.66 -0.90
N TRP A 688 21.25 15.11 -0.48
CA TRP A 688 21.03 14.59 0.88
C TRP A 688 22.07 13.52 1.22
N ASP A 689 22.78 13.67 2.34
CA ASP A 689 23.75 12.63 2.76
C ASP A 689 22.98 11.53 3.48
N TRP A 690 22.76 10.37 2.82
CA TRP A 690 21.91 9.26 3.35
C TRP A 690 22.46 8.68 4.66
N ASN A 691 23.77 8.89 4.91
CA ASN A 691 24.45 8.46 6.14
C ASN A 691 23.95 9.26 7.33
N ARG A 692 23.48 10.49 7.11
CA ARG A 692 23.28 11.48 8.21
C ARG A 692 21.80 11.78 8.39
N MET A 693 21.07 10.72 8.74
CA MET A 693 19.66 10.85 9.16
C MET A 693 19.68 11.50 10.53
N GLN A 694 18.86 12.53 10.74
CA GLN A 694 18.84 13.27 12.02
C GLN A 694 18.64 12.29 13.20
N GLY A 695 19.55 12.36 14.17
CA GLY A 695 19.59 11.63 15.44
C GLY A 695 20.27 10.27 15.36
N ALA A 696 20.41 9.70 14.15
CA ALA A 696 20.96 8.33 13.96
C ALA A 696 22.44 8.28 14.37
N THR A 697 22.85 7.10 14.87
CA THR A 697 24.28 6.71 14.92
C THR A 697 24.51 5.77 13.74
N THR A 698 25.46 6.10 12.86
CA THR A 698 25.64 5.36 11.59
C THR A 698 27.13 5.17 11.35
N ILE A 699 27.46 4.28 10.41
CA ILE A 699 28.80 4.26 9.79
C ILE A 699 28.70 5.09 8.50
N HIS A 700 29.53 6.11 8.35
CA HIS A 700 29.52 6.91 7.12
C HIS A 700 30.15 6.09 5.99
N LEU A 701 29.37 5.66 5.00
CA LEU A 701 29.81 4.80 3.90
C LEU A 701 29.70 5.52 2.57
N PRO A 702 30.57 5.16 1.62
CA PRO A 702 30.31 5.49 0.21
C PRO A 702 28.95 4.89 -0.18
N LEU A 703 28.23 5.53 -1.12
CA LEU A 703 26.84 5.06 -1.42
C LEU A 703 26.91 3.67 -2.02
N LYS A 704 28.00 3.30 -2.67
CA LYS A 704 28.06 1.95 -3.25
C LYS A 704 28.02 0.91 -2.13
N ASP A 705 28.52 1.24 -0.93
CA ASP A 705 28.50 0.30 0.20
C ASP A 705 27.24 0.49 1.10
N LEU A 706 26.65 1.69 1.10
CA LEU A 706 25.40 1.94 1.84
C LEU A 706 24.22 1.30 1.12
N ASP A 707 24.29 1.22 -0.20
CA ASP A 707 23.26 0.56 -1.00
C ASP A 707 22.97 -0.80 -0.40
N SER A 708 21.70 -1.17 -0.36
CA SER A 708 21.29 -2.52 0.11
C SER A 708 22.08 -3.56 -0.66
N PRO A 709 22.61 -4.58 0.04
CA PRO A 709 23.32 -5.67 -0.61
C PRO A 709 22.41 -6.56 -1.48
N LYS A 710 21.08 -6.50 -1.34
CA LYS A 710 20.19 -7.29 -2.20
C LYS A 710 19.76 -6.49 -3.43
N PRO A 711 19.88 -7.07 -4.63
CA PRO A 711 19.47 -6.39 -5.84
C PRO A 711 17.98 -6.05 -5.94
N HIS A 712 17.14 -6.87 -5.30
CA HIS A 712 15.68 -6.67 -5.26
C HIS A 712 15.29 -6.23 -3.83
N THR A 713 14.61 -7.08 -3.07
CA THR A 713 13.93 -6.64 -1.83
C THR A 713 14.79 -6.97 -0.62
N LEU A 714 14.90 -6.03 0.33
CA LEU A 714 15.42 -6.29 1.69
C LEU A 714 14.59 -5.45 2.64
N MET A 715 14.03 -6.09 3.64
CA MET A 715 13.34 -5.46 4.77
C MET A 715 14.05 -5.90 6.05
N GLN A 716 15.18 -5.26 6.36
CA GLN A 716 16.12 -5.75 7.40
C GLN A 716 15.45 -5.58 8.77
N ARG A 717 15.16 -6.69 9.41
CA ARG A 717 14.70 -6.66 10.81
C ARG A 717 15.86 -6.68 11.79
N GLY A 718 15.61 -6.26 13.03
CA GLY A 718 16.65 -6.20 14.06
C GLY A 718 16.89 -7.57 14.67
N GLU A 719 17.81 -7.58 15.60
CA GLU A 719 18.38 -8.80 16.20
C GLU A 719 17.74 -9.12 17.54
N ARG A 720 16.91 -8.26 18.17
CA ARG A 720 16.20 -8.62 19.41
C ARG A 720 14.78 -7.98 19.38
N GLY A 721 13.86 -8.45 20.19
CA GLY A 721 12.51 -7.86 20.30
C GLY A 721 12.50 -6.43 20.87
N PHE A 722 13.43 -6.08 21.73
CA PHE A 722 13.36 -4.83 22.54
C PHE A 722 14.05 -3.70 21.76
N SER A 723 13.27 -2.68 21.48
CA SER A 723 13.66 -1.32 21.00
C SER A 723 12.37 -0.59 20.64
N GLY A 724 12.24 0.64 21.08
CA GLY A 724 11.07 1.45 20.80
C GLY A 724 10.93 2.55 21.85
N THR A 725 9.68 2.92 22.18
CA THR A 725 9.41 4.08 23.04
C THR A 725 8.41 3.75 24.14
N SER A 726 8.26 4.70 25.05
CA SER A 726 7.19 4.67 26.06
C SER A 726 6.82 6.09 26.38
N SER A 727 5.77 6.19 27.18
CA SER A 727 5.15 7.49 27.48
C SER A 727 4.75 7.51 28.95
N LEU A 728 4.59 8.73 29.42
CA LEU A 728 4.21 9.08 30.79
C LEU A 728 3.26 10.28 30.72
N GLU A 729 2.08 10.14 31.33
CA GLU A 729 1.05 11.21 31.54
C GLU A 729 0.63 11.84 30.19
N GLY A 730 0.84 11.16 29.06
CA GLY A 730 0.57 11.72 27.73
C GLY A 730 1.48 12.88 27.36
N GLN A 731 2.52 13.15 28.13
CA GLN A 731 3.30 14.39 27.94
C GLN A 731 4.78 14.07 27.71
N TYR A 732 5.32 13.05 28.37
CA TYR A 732 6.79 12.78 28.36
C TYR A 732 7.03 11.46 27.66
N GLY A 733 8.19 11.36 27.03
CA GLY A 733 8.55 10.10 26.39
C GLY A 733 9.99 9.69 26.55
N MET A 734 10.23 8.41 26.27
CA MET A 734 11.60 7.89 26.16
C MET A 734 11.70 6.92 24.98
N MET A 735 12.78 7.04 24.21
CA MET A 735 13.18 6.00 23.25
C MET A 735 14.36 5.20 23.80
N ALA A 736 14.32 3.88 23.65
CA ALA A 736 15.43 2.94 23.92
C ALA A 736 15.73 2.19 22.63
N PHE A 737 16.93 2.37 22.09
CA PHE A 737 17.32 1.71 20.82
C PHE A 737 18.60 0.93 21.08
N ASP A 738 18.51 -0.39 20.96
CA ASP A 738 19.68 -1.30 21.00
C ASP A 738 20.15 -1.49 19.57
N LEU A 739 21.23 -0.83 19.15
CA LEU A 739 21.69 -0.96 17.72
C LEU A 739 22.59 -2.20 17.65
N ILE A 740 22.08 -3.25 17.01
CA ILE A 740 22.73 -4.55 16.84
C ILE A 740 22.63 -4.94 15.37
N TYR A 741 23.75 -5.32 14.77
CA TYR A 741 23.77 -5.69 13.34
C TYR A 741 23.83 -7.22 13.23
N PRO A 742 23.46 -7.73 12.05
CA PRO A 742 23.50 -9.17 11.79
C PRO A 742 24.93 -9.73 11.79
N ALA A 743 25.01 -10.99 12.13
CA ALA A 743 26.28 -11.74 12.27
C ALA A 743 26.99 -11.76 10.93
N ASN A 744 26.28 -11.80 9.81
CA ASN A 744 26.94 -12.04 8.50
C ASN A 744 26.04 -11.62 7.34
N LEU A 745 25.82 -10.33 7.20
CA LEU A 745 25.12 -9.78 6.03
C LEU A 745 26.13 -8.86 5.35
N GLU A 746 26.26 -9.04 4.03
CA GLU A 746 27.25 -8.28 3.24
C GLU A 746 26.95 -6.78 3.45
N ARG A 747 28.00 -6.02 3.71
CA ARG A 747 28.07 -4.54 3.81
C ARG A 747 27.67 -4.08 5.22
N PHE A 748 27.17 -4.99 6.07
CA PHE A 748 26.79 -4.70 7.48
C PHE A 748 27.93 -5.13 8.40
N ASP A 749 28.57 -4.16 9.07
CA ASP A 749 29.67 -4.44 10.03
C ASP A 749 29.07 -5.23 11.19
N PRO A 750 29.38 -6.55 11.36
CA PRO A 750 28.75 -7.32 12.42
C PRO A 750 29.04 -6.81 13.83
N ASN A 751 30.06 -5.96 14.01
CA ASN A 751 30.45 -5.49 15.37
C ASN A 751 29.97 -4.04 15.59
N PHE A 752 29.18 -3.52 14.66
CA PHE A 752 28.61 -2.15 14.87
C PHE A 752 27.53 -2.26 15.94
N THR A 753 27.71 -1.47 17.00
CA THR A 753 26.81 -1.47 18.18
C THR A 753 26.63 -0.05 18.73
N ALA A 754 25.54 0.16 19.44
CA ALA A 754 25.26 1.40 20.19
C ALA A 754 24.01 1.15 21.07
N LYS A 755 23.99 1.80 22.21
CA LYS A 755 22.83 1.97 23.09
C LYS A 755 22.45 3.45 23.01
N LYS A 756 21.23 3.76 22.55
CA LYS A 756 20.79 5.14 22.25
C LYS A 756 19.46 5.37 22.93
N SER A 757 19.41 6.29 23.87
CA SER A 757 18.19 6.70 24.61
C SER A 757 17.91 8.17 24.36
N VAL A 758 16.63 8.52 24.38
CA VAL A 758 16.18 9.91 24.28
C VAL A 758 15.10 10.07 25.34
N LEU A 759 15.15 11.16 26.09
CA LEU A 759 14.05 11.57 26.99
C LEU A 759 13.47 12.87 26.45
N ALA A 760 12.15 12.89 26.21
CA ALA A 760 11.49 14.08 25.61
C ALA A 760 10.47 14.62 26.61
N ALA A 761 10.50 15.93 26.84
CA ALA A 761 9.56 16.60 27.74
C ALA A 761 9.47 18.02 27.27
N ASP A 762 8.24 18.54 27.12
CA ASP A 762 8.02 19.99 26.93
C ASP A 762 8.83 20.43 25.70
N ASN A 763 9.59 21.52 25.77
CA ASN A 763 10.35 22.13 24.64
C ASN A 763 11.66 21.39 24.32
N HIS A 764 11.98 20.27 24.99
CA HIS A 764 13.35 19.73 24.92
C HIS A 764 13.41 18.21 24.85
N LEU A 765 14.57 17.73 24.38
CA LEU A 765 14.91 16.29 24.32
C LEU A 765 16.37 16.15 24.72
N ILE A 766 16.62 15.17 25.56
CA ILE A 766 17.97 14.78 26.03
C ILE A 766 18.36 13.50 25.30
N PHE A 767 19.47 13.54 24.60
CA PHE A 767 19.97 12.40 23.77
C PHE A 767 21.24 11.84 24.42
N ILE A 768 21.27 10.54 24.74
CA ILE A 768 22.52 9.94 25.26
C ILE A 768 22.79 8.67 24.50
N GLY A 769 24.07 8.36 24.40
CA GLY A 769 24.52 7.11 23.73
C GLY A 769 25.70 6.54 24.48
N SER A 770 25.83 5.24 24.43
CA SER A 770 26.94 4.54 25.10
C SER A 770 27.24 3.30 24.32
N ASN A 771 28.37 2.71 24.65
CA ASN A 771 28.69 1.34 24.16
C ASN A 771 28.71 1.35 22.64
N ILE A 772 29.21 2.44 22.05
CA ILE A 772 29.31 2.54 20.57
C ILE A 772 30.61 1.85 20.12
N ASN A 773 30.50 1.00 19.12
CA ASN A 773 31.65 0.17 18.66
C ASN A 773 31.50 -0.13 17.17
N SER A 774 32.62 -0.47 16.52
CA SER A 774 32.58 -1.05 15.18
C SER A 774 33.77 -2.05 15.07
N SER A 775 33.96 -2.62 13.89
CA SER A 775 35.11 -3.52 13.59
C SER A 775 36.39 -2.71 13.46
N ASP A 776 36.31 -1.38 13.28
CA ASP A 776 37.46 -0.52 12.90
C ASP A 776 37.59 0.69 13.86
N LYS A 777 37.51 0.45 15.17
CA LYS A 777 37.76 1.45 16.26
C LYS A 777 36.95 2.72 15.99
N ASN A 778 35.71 2.54 15.54
CA ASN A 778 34.72 3.64 15.41
C ASN A 778 35.14 4.58 14.29
N LYS A 779 35.96 4.10 13.37
CA LYS A 779 36.32 4.90 12.19
C LYS A 779 35.03 5.17 11.40
N ASN A 780 34.82 6.43 11.02
CA ASN A 780 33.61 6.89 10.27
C ASN A 780 32.33 6.62 11.04
N VAL A 781 32.37 6.37 12.36
CA VAL A 781 31.10 6.21 13.13
C VAL A 781 30.71 7.61 13.63
N GLU A 782 29.45 7.98 13.40
CA GLU A 782 28.94 9.37 13.56
C GLU A 782 27.54 9.36 14.18
N THR A 783 27.19 10.36 14.92
CA THR A 783 25.79 10.61 15.37
C THR A 783 25.38 11.97 14.80
N THR A 784 24.32 12.01 14.01
CA THR A 784 23.93 13.23 13.27
C THR A 784 23.04 14.08 14.20
N LEU A 785 23.46 15.30 14.54
CA LEU A 785 22.61 16.26 15.26
C LEU A 785 21.51 16.75 14.31
N PHE A 786 21.86 17.21 13.11
CA PHE A 786 20.89 17.66 12.09
C PHE A 786 21.55 17.65 10.71
N GLN A 787 20.70 17.78 9.71
CA GLN A 787 21.07 17.99 8.29
C GLN A 787 19.85 18.65 7.63
N HIS A 788 20.06 19.81 6.98
CA HIS A 788 19.00 20.42 6.16
C HIS A 788 19.66 21.22 5.06
N ALA A 789 18.93 21.39 3.96
CA ALA A 789 19.40 22.16 2.82
C ALA A 789 19.59 23.62 3.26
N ILE A 790 20.45 24.32 2.53
CA ILE A 790 20.65 25.79 2.61
C ILE A 790 19.86 26.42 1.48
N THR A 791 18.95 27.31 1.84
CA THR A 791 18.13 28.10 0.91
C THR A 791 18.08 29.54 1.41
N PRO A 792 17.57 30.52 0.60
CA PRO A 792 17.45 31.88 1.13
C PRO A 792 16.61 31.95 2.42
N THR A 793 15.66 31.09 2.62
CA THR A 793 14.87 31.07 3.89
C THR A 793 15.60 30.21 4.93
N LEU A 794 16.57 29.37 4.54
CA LEU A 794 17.24 28.47 5.49
C LEU A 794 18.74 28.75 5.35
N ASN A 795 19.17 29.97 5.63
N ASN A 795 19.12 30.02 5.60
CA ASN A 795 20.56 30.36 5.31
CA ASN A 795 20.45 30.61 5.30
C ASN A 795 21.41 30.54 6.56
C ASN A 795 21.37 30.59 6.53
N THR A 796 20.81 30.62 7.75
CA THR A 796 21.52 31.07 8.99
C THR A 796 21.74 29.87 9.90
N LEU A 797 22.96 29.72 10.42
CA LEU A 797 23.22 28.87 11.62
C LEU A 797 23.73 29.78 12.75
N TRP A 798 23.42 29.48 13.98
CA TRP A 798 24.08 30.18 15.10
C TRP A 798 25.03 29.19 15.75
N ILE A 799 26.27 29.59 16.00
CA ILE A 799 27.22 28.82 16.86
C ILE A 799 27.76 29.72 17.98
N ASN A 800 27.41 29.40 19.25
CA ASN A 800 27.90 30.15 20.42
C ASN A 800 27.66 31.64 20.19
N GLY A 801 26.45 32.03 19.79
CA GLY A 801 26.03 33.44 19.70
C GLY A 801 26.53 34.12 18.45
N GLN A 802 27.17 33.42 17.52
CA GLN A 802 27.69 34.06 16.27
C GLN A 802 26.86 33.48 15.10
N LYS A 803 26.41 34.33 14.20
CA LYS A 803 25.64 33.97 13.00
C LYS A 803 26.63 33.49 11.94
N ILE A 804 26.42 32.31 11.37
CA ILE A 804 27.31 31.76 10.30
C ILE A 804 26.48 31.62 9.03
N GLU A 805 26.91 32.29 7.96
CA GLU A 805 26.16 32.28 6.69
C GLU A 805 27.07 31.84 5.54
N ASN A 806 28.37 31.84 5.72
CA ASN A 806 29.32 31.45 4.65
C ASN A 806 29.03 30.06 4.17
N MET A 807 29.24 29.83 2.88
CA MET A 807 29.20 28.47 2.29
C MET A 807 30.35 28.41 1.30
N PRO A 808 31.39 27.57 1.47
CA PRO A 808 31.44 26.58 2.53
C PRO A 808 31.89 27.12 3.91
N TYR A 809 31.71 26.33 4.95
CA TYR A 809 32.14 26.61 6.34
C TYR A 809 32.37 25.25 7.04
N GLN A 810 33.48 25.08 7.73
CA GLN A 810 33.69 23.93 8.64
C GLN A 810 34.22 24.45 10.01
N THR A 811 33.84 23.82 11.10
CA THR A 811 34.44 24.06 12.43
C THR A 811 34.13 22.85 13.29
N THR A 812 34.77 22.76 14.44
CA THR A 812 34.58 21.63 15.36
C THR A 812 34.27 22.22 16.71
N LEU A 813 33.29 21.62 17.35
CA LEU A 813 32.80 22.08 18.64
C LEU A 813 33.01 20.95 19.65
N GLN A 814 32.80 21.25 20.92
CA GLN A 814 33.06 20.33 22.07
C GLN A 814 32.01 20.61 23.16
N GLN A 815 32.14 19.95 24.32
CA GLN A 815 31.23 20.08 25.47
C GLN A 815 31.11 21.57 25.79
N GLY A 816 29.90 22.04 26.03
CA GLY A 816 29.57 23.41 26.46
C GLY A 816 29.30 24.35 25.26
N ASP A 817 29.65 23.94 24.03
CA ASP A 817 29.25 24.68 22.81
C ASP A 817 27.78 24.43 22.47
N TRP A 818 27.21 25.37 21.70
CA TRP A 818 25.86 25.19 21.16
C TRP A 818 25.72 25.74 19.73
N LEU A 819 24.65 25.28 19.08
CA LEU A 819 24.26 25.65 17.69
C LEU A 819 22.76 25.85 17.65
N ILE A 820 22.28 26.56 16.63
CA ILE A 820 20.85 26.62 16.25
C ILE A 820 20.82 26.43 14.72
N ASP A 821 20.10 25.42 14.26
CA ASP A 821 19.90 25.22 12.81
C ASP A 821 18.89 26.27 12.31
N SER A 822 18.62 26.28 11.02
CA SER A 822 17.80 27.34 10.36
C SER A 822 16.33 27.09 10.68
N ASN A 823 15.92 25.95 11.24
CA ASN A 823 14.52 25.66 11.61
C ASN A 823 14.26 25.99 13.10
N GLY A 824 15.20 26.68 13.77
CA GLY A 824 15.01 27.14 15.16
C GLY A 824 15.20 26.03 16.20
N ASN A 825 15.90 24.94 15.87
CA ASN A 825 16.25 23.88 16.84
C ASN A 825 17.64 24.22 17.42
N GLY A 826 17.77 24.29 18.74
CA GLY A 826 19.07 24.49 19.41
C GLY A 826 19.64 23.17 19.86
N TYR A 827 20.94 23.02 19.78
CA TYR A 827 21.70 21.81 20.19
C TYR A 827 22.77 22.27 21.14
N LEU A 828 22.67 21.81 22.38
CA LEU A 828 23.71 22.06 23.39
C LEU A 828 24.54 20.77 23.55
N ILE A 829 25.82 20.87 23.34
CA ILE A 829 26.75 19.72 23.44
C ILE A 829 27.13 19.54 24.92
N THR A 830 26.67 18.45 25.52
CA THR A 830 26.80 18.25 27.01
C THR A 830 27.84 17.15 27.31
N GLN A 831 28.26 16.38 26.32
CA GLN A 831 29.31 15.32 26.37
C GLN A 831 29.65 14.84 24.94
N ALA A 832 30.77 15.34 24.45
CA ALA A 832 31.29 14.88 23.13
C ALA A 832 32.72 15.40 23.07
N GLU A 833 33.59 14.72 22.38
CA GLU A 833 34.95 15.30 22.26
C GLU A 833 34.90 16.18 21.02
N LYS A 834 34.12 15.72 20.04
CA LYS A 834 34.32 16.24 18.68
C LYS A 834 32.99 16.25 17.93
N VAL A 835 32.47 17.46 17.82
CA VAL A 835 31.29 17.73 16.98
C VAL A 835 31.73 18.55 15.76
N ASN A 836 31.60 17.98 14.59
CA ASN A 836 31.87 18.70 13.33
C ASN A 836 30.60 19.41 12.89
N VAL A 837 30.76 20.64 12.42
CA VAL A 837 29.69 21.44 11.77
C VAL A 837 30.15 21.70 10.34
N SER A 838 29.24 21.55 9.37
CA SER A 838 29.59 21.76 7.94
C SER A 838 28.47 22.49 7.21
N ARG A 839 28.85 23.50 6.45
CA ARG A 839 28.02 24.05 5.38
C ARG A 839 28.79 23.77 4.09
N GLN A 840 28.23 22.91 3.25
CA GLN A 840 29.01 22.34 2.14
C GLN A 840 28.07 21.95 0.99
N HIS A 841 28.66 21.98 -0.20
CA HIS A 841 28.12 21.34 -1.41
C HIS A 841 28.22 19.84 -1.19
N GLN A 842 27.14 19.09 -1.40
CA GLN A 842 27.14 17.60 -1.23
C GLN A 842 26.68 16.97 -2.54
N VAL A 843 27.28 15.85 -2.88
CA VAL A 843 26.83 15.04 -4.04
C VAL A 843 26.21 13.76 -3.48
N SER A 844 25.03 13.41 -3.95
CA SER A 844 24.35 12.21 -3.46
C SER A 844 23.80 11.48 -4.67
N ALA A 845 22.83 10.62 -4.45
CA ALA A 845 22.12 9.88 -5.51
C ALA A 845 20.70 9.63 -5.02
N GLU A 846 19.74 9.71 -5.96
CA GLU A 846 18.29 9.58 -5.66
C GLU A 846 17.95 8.10 -5.47
N ASN A 847 16.94 7.88 -4.64
CA ASN A 847 16.69 6.60 -4.00
C ASN A 847 16.09 5.59 -4.97
N LYS A 848 15.57 5.99 -6.11
CA LYS A 848 14.90 5.04 -7.03
C LYS A 848 15.89 4.43 -8.00
N ASN A 849 16.62 5.25 -8.73
CA ASN A 849 17.48 4.77 -9.86
C ASN A 849 18.96 5.08 -9.64
N ARG A 850 19.32 5.55 -8.45
CA ARG A 850 20.70 5.89 -8.02
C ARG A 850 21.33 6.93 -8.98
N GLN A 851 20.58 7.78 -9.64
CA GLN A 851 21.15 8.88 -10.47
C GLN A 851 21.71 10.00 -9.56
N PRO A 852 22.79 10.67 -10.00
CA PRO A 852 23.50 11.63 -9.19
C PRO A 852 22.61 12.82 -8.91
N THR A 853 22.75 13.37 -7.71
CA THR A 853 22.09 14.62 -7.30
C THR A 853 23.11 15.47 -6.55
N GLU A 854 22.78 16.73 -6.36
CA GLU A 854 23.65 17.64 -5.58
C GLU A 854 22.84 18.75 -4.94
N GLY A 855 23.42 19.33 -3.89
CA GLY A 855 22.80 20.42 -3.14
C GLY A 855 23.70 20.87 -2.01
N ASN A 856 23.34 22.00 -1.41
CA ASN A 856 24.10 22.67 -0.33
C ASN A 856 23.32 22.44 0.95
N PHE A 857 24.05 22.00 1.96
CA PHE A 857 23.48 21.53 3.23
C PHE A 857 24.24 22.11 4.42
N SER A 858 23.49 22.39 5.47
CA SER A 858 24.05 22.65 6.82
C SER A 858 23.88 21.37 7.61
N SER A 859 24.90 20.94 8.32
CA SER A 859 24.81 19.71 9.13
C SER A 859 25.76 19.80 10.31
N ALA A 860 25.49 18.98 11.32
CA ALA A 860 26.45 18.76 12.40
C ALA A 860 26.33 17.32 12.89
N TRP A 861 27.48 16.72 13.24
CA TRP A 861 27.53 15.33 13.69
C TRP A 861 28.69 15.18 14.68
N ILE A 862 28.55 14.22 15.57
CA ILE A 862 29.60 13.80 16.51
C ILE A 862 30.47 12.76 15.80
N ASP A 863 31.78 12.96 15.88
CA ASP A 863 32.81 12.02 15.36
C ASP A 863 33.21 11.08 16.50
N HIS A 864 32.75 9.85 16.44
CA HIS A 864 33.04 8.88 17.52
C HIS A 864 34.43 8.25 17.38
N SER A 865 35.17 8.52 16.31
CA SER A 865 36.52 7.89 16.07
C SER A 865 37.52 8.32 17.16
N THR A 866 37.25 9.38 17.92
CA THR A 866 38.15 9.84 18.98
C THR A 866 38.13 8.85 20.14
N ARG A 867 37.18 7.91 20.19
CA ARG A 867 36.99 6.96 21.31
C ARG A 867 36.91 5.57 20.66
N PRO A 868 38.06 4.88 20.48
CA PRO A 868 38.13 3.64 19.71
C PRO A 868 37.25 2.52 20.27
N LYS A 869 36.92 2.58 21.55
CA LYS A 869 36.12 1.50 22.18
C LYS A 869 35.03 2.15 23.03
N ASP A 870 33.80 1.66 22.95
CA ASP A 870 32.69 2.14 23.80
C ASP A 870 32.65 3.65 23.79
N ALA A 871 32.54 4.22 22.59
CA ALA A 871 32.25 5.66 22.40
C ALA A 871 30.87 6.01 22.97
N SER A 872 30.65 7.29 23.23
CA SER A 872 29.44 7.75 23.93
C SER A 872 29.13 9.19 23.51
N TYR A 873 27.94 9.68 23.79
CA TYR A 873 27.59 11.09 23.59
C TYR A 873 26.49 11.47 24.53
N GLU A 874 26.33 12.79 24.70
CA GLU A 874 25.13 13.40 25.31
C GLU A 874 24.95 14.76 24.64
N TYR A 875 23.73 15.14 24.33
CA TYR A 875 23.41 16.49 23.85
C TYR A 875 21.93 16.72 24.15
N MET A 876 21.54 17.99 24.14
CA MET A 876 20.16 18.40 24.45
C MET A 876 19.67 19.31 23.32
N VAL A 877 18.45 19.04 22.82
CA VAL A 877 17.74 19.84 21.79
C VAL A 877 16.67 20.70 22.45
N PHE A 878 16.64 21.98 22.09
CA PHE A 878 15.58 22.92 22.49
C PHE A 878 14.79 23.22 21.21
N LEU A 879 13.48 22.99 21.24
CA LEU A 879 12.60 23.10 20.03
C LEU A 879 12.19 24.55 19.80
N ASP A 880 12.40 25.42 20.78
CA ASP A 880 12.05 26.85 20.65
C ASP A 880 13.27 27.73 20.85
N ALA A 881 14.42 27.32 20.37
CA ALA A 881 15.71 27.93 20.68
C ALA A 881 15.78 29.32 20.07
N THR A 882 16.41 30.25 20.80
CA THR A 882 16.80 31.59 20.34
C THR A 882 18.22 31.75 20.85
N PRO A 883 19.04 32.65 20.31
CA PRO A 883 20.37 32.84 20.89
C PRO A 883 20.32 33.16 22.40
N GLU A 884 19.36 33.97 22.83
CA GLU A 884 19.20 34.30 24.27
C GLU A 884 18.89 33.02 25.06
N LYS A 885 17.85 32.28 24.69
CA LYS A 885 17.49 31.01 25.38
C LYS A 885 18.67 30.02 25.41
N MET A 886 19.45 29.86 24.33
CA MET A 886 20.59 28.92 24.32
C MET A 886 21.71 29.41 25.27
N GLY A 887 22.04 30.70 25.30
CA GLY A 887 22.85 31.34 26.37
C GLY A 887 22.37 30.98 27.78
N GLU A 888 21.09 31.11 28.07
CA GLU A 888 20.55 30.69 29.39
C GLU A 888 20.72 29.18 29.60
N MET A 889 20.48 28.33 28.58
CA MET A 889 20.59 26.86 28.78
C MET A 889 22.05 26.47 29.03
N ALA A 890 22.96 27.11 28.31
CA ALA A 890 24.40 26.83 28.45
C ALA A 890 24.84 27.23 29.87
N GLN A 891 24.37 28.37 30.38
CA GLN A 891 24.78 28.80 31.75
C GLN A 891 24.23 27.80 32.79
N LYS A 892 23.00 27.30 32.61
CA LYS A 892 22.35 26.32 33.49
C LYS A 892 23.18 25.02 33.48
N PHE A 893 23.65 24.62 32.30
CA PHE A 893 24.50 23.43 32.10
C PHE A 893 25.81 23.65 32.85
N ARG A 894 26.32 24.87 32.83
CA ARG A 894 27.62 25.11 33.51
C ARG A 894 27.47 25.11 35.04
N GLU A 895 26.26 25.33 35.58
CA GLU A 895 25.98 25.32 37.05
C GLU A 895 25.74 23.88 37.54
N ASN A 896 26.79 23.06 37.52
CA ASN A 896 26.72 21.63 37.93
C ASN A 896 25.62 20.88 37.15
N ASN A 897 25.49 21.19 35.83
CA ASN A 897 24.39 20.73 34.96
C ASN A 897 23.03 20.75 35.69
N GLY A 898 22.44 21.93 35.77
CA GLY A 898 21.05 22.12 36.22
C GLY A 898 20.02 21.70 35.19
N LEU A 899 20.43 21.16 34.04
CA LEU A 899 19.48 20.71 33.02
C LEU A 899 19.04 19.29 33.26
N TYR A 900 19.96 18.36 33.49
CA TYR A 900 19.62 16.94 33.61
C TYR A 900 20.77 16.21 34.32
N GLN A 901 20.53 14.94 34.61
CA GLN A 901 21.59 14.12 35.19
C GLN A 901 21.43 12.72 34.60
N VAL A 902 22.54 12.17 34.14
CA VAL A 902 22.52 10.74 33.75
C VAL A 902 22.86 9.94 35.01
N LEU A 903 21.92 9.14 35.49
CA LEU A 903 22.17 8.34 36.73
C LEU A 903 22.79 6.99 36.40
N ARG A 904 22.71 6.54 35.17
CA ARG A 904 23.37 5.31 34.76
C ARG A 904 23.45 5.37 33.24
N LYS A 905 24.55 4.86 32.70
CA LYS A 905 24.70 4.82 31.23
C LYS A 905 25.58 3.64 30.87
N ASP A 906 25.04 2.43 30.82
CA ASP A 906 25.87 1.25 30.51
C ASP A 906 25.03 0.30 29.66
N LYS A 907 25.56 -0.89 29.42
CA LYS A 907 24.91 -1.86 28.50
C LYS A 907 23.60 -2.37 29.09
N ASP A 908 23.41 -2.30 30.40
CA ASP A 908 22.21 -2.82 31.08
C ASP A 908 21.10 -1.75 31.23
N VAL A 909 21.46 -0.54 31.64
CA VAL A 909 20.43 0.49 31.91
C VAL A 909 20.92 1.88 31.51
N HIS A 910 20.02 2.67 30.99
CA HIS A 910 20.24 4.13 30.82
C HIS A 910 19.19 4.81 31.65
N ILE A 911 19.60 5.67 32.57
CA ILE A 911 18.65 6.44 33.43
C ILE A 911 18.92 7.93 33.26
N ILE A 912 17.89 8.67 32.86
CA ILE A 912 18.04 10.13 32.61
C ILE A 912 17.06 10.87 33.50
N LEU A 913 17.59 11.71 34.40
CA LEU A 913 16.75 12.62 35.19
C LEU A 913 16.72 13.96 34.41
N ASP A 914 15.53 14.36 33.96
CA ASP A 914 15.30 15.67 33.36
C ASP A 914 14.97 16.65 34.48
N LYS A 915 15.87 17.57 34.79
CA LYS A 915 15.65 18.52 35.92
C LYS A 915 14.75 19.66 35.49
N LEU A 916 14.58 19.93 34.19
CA LEU A 916 13.60 20.96 33.74
C LEU A 916 12.16 20.46 33.98
N SER A 917 11.84 19.20 33.72
CA SER A 917 10.46 18.65 33.80
C SER A 917 10.28 17.82 35.07
N ASN A 918 11.38 17.50 35.73
CA ASN A 918 11.37 16.68 36.96
C ASN A 918 10.86 15.27 36.66
N VAL A 919 11.24 14.72 35.52
CA VAL A 919 10.81 13.38 35.06
C VAL A 919 12.06 12.50 34.95
N THR A 920 11.96 11.20 35.28
CA THR A 920 13.10 10.29 35.11
C THR A 920 12.72 9.16 34.16
N GLY A 921 13.55 8.90 33.17
CA GLY A 921 13.34 7.79 32.24
C GLY A 921 14.33 6.67 32.49
N TYR A 922 13.89 5.42 32.46
CA TYR A 922 14.76 4.23 32.71
C TYR A 922 14.60 3.27 31.53
N ALA A 923 15.66 3.13 30.73
CA ALA A 923 15.73 2.18 29.61
C ALA A 923 16.49 0.97 30.14
N PHE A 924 15.76 -0.07 30.51
CA PHE A 924 16.34 -1.36 30.94
C PHE A 924 16.56 -2.25 29.70
N TYR A 925 17.68 -2.07 28.99
CA TYR A 925 18.16 -2.92 27.88
C TYR A 925 18.26 -4.35 28.37
N GLN A 926 18.51 -4.55 29.67
CA GLN A 926 18.47 -5.89 30.29
C GLN A 926 17.75 -5.78 31.61
N PRO A 927 17.14 -6.88 32.11
CA PRO A 927 16.60 -6.87 33.45
C PRO A 927 17.72 -6.51 34.43
N ALA A 928 17.45 -5.74 35.49
CA ALA A 928 18.50 -5.41 36.46
C ALA A 928 17.88 -4.93 37.76
N SER A 929 18.66 -5.09 38.81
CA SER A 929 18.54 -4.36 40.09
C SER A 929 19.38 -3.10 39.94
N ILE A 930 18.86 -2.00 40.41
CA ILE A 930 19.58 -0.71 40.35
C ILE A 930 19.53 -0.01 41.70
N GLU A 931 20.35 1.02 41.79
CA GLU A 931 20.36 1.97 42.93
C GLU A 931 19.75 3.27 42.39
N ASP A 932 18.65 3.66 43.02
CA ASP A 932 17.82 4.79 42.54
C ASP A 932 16.88 5.18 43.67
N LYS A 933 16.40 6.41 43.69
CA LYS A 933 15.43 6.81 44.74
C LYS A 933 14.13 6.03 44.56
N TRP A 934 13.66 5.87 43.30
CA TRP A 934 12.32 5.30 43.01
C TRP A 934 12.38 3.82 42.66
N ILE A 935 13.13 3.44 41.62
CA ILE A 935 13.10 2.08 41.00
C ILE A 935 14.19 1.21 41.61
N LYS A 936 13.85 0.00 42.03
CA LYS A 936 14.82 -0.93 42.60
C LYS A 936 15.14 -2.02 41.59
N LYS A 937 14.15 -2.56 40.92
CA LYS A 937 14.40 -3.74 40.10
C LYS A 937 13.32 -3.89 39.02
N VAL A 938 13.72 -4.42 37.86
CA VAL A 938 12.83 -4.68 36.71
C VAL A 938 13.29 -6.02 36.12
N ASN A 939 12.34 -6.92 35.92
CA ASN A 939 12.67 -8.34 35.68
C ASN A 939 12.67 -8.66 34.19
N LYS A 940 12.41 -7.71 33.29
CA LYS A 940 12.46 -7.95 31.83
C LYS A 940 13.08 -6.72 31.19
N PRO A 941 13.58 -6.79 29.93
CA PRO A 941 13.84 -5.55 29.19
C PRO A 941 12.57 -4.70 29.15
N ALA A 942 12.65 -3.42 29.50
CA ALA A 942 11.46 -2.54 29.66
C ALA A 942 11.89 -1.07 29.61
N ILE A 943 10.92 -0.21 29.39
CA ILE A 943 11.06 1.25 29.60
C ILE A 943 10.14 1.66 30.75
N VAL A 944 10.74 2.24 31.78
CA VAL A 944 10.02 2.76 32.96
C VAL A 944 10.19 4.27 33.00
N MET A 945 9.19 4.98 33.49
CA MET A 945 9.27 6.44 33.65
C MET A 945 8.59 6.83 34.96
N THR A 946 9.16 7.79 35.68
CA THR A 946 8.63 8.29 36.98
C THR A 946 8.49 9.82 36.93
N HIS A 947 7.48 10.29 37.65
CA HIS A 947 7.28 11.73 37.94
C HIS A 947 6.75 11.89 39.36
N ARG A 948 7.60 12.41 40.26
CA ARG A 948 7.20 12.76 41.65
C ARG A 948 6.53 14.12 41.61
N GLN A 949 5.21 14.18 41.80
CA GLN A 949 4.50 15.48 41.91
C GLN A 949 3.86 15.64 43.29
N LYS A 950 4.16 16.73 44.00
CA LYS A 950 3.56 17.03 45.32
C LYS A 950 3.37 15.72 46.10
N ASP A 951 2.16 15.18 46.14
CA ASP A 951 1.76 14.12 47.09
C ASP A 951 1.77 12.75 46.40
N THR A 952 2.22 12.67 45.13
CA THR A 952 2.12 11.43 44.29
C THR A 952 3.42 11.11 43.56
N LEU A 953 3.58 9.82 43.29
CA LEU A 953 4.53 9.25 42.32
C LEU A 953 3.73 8.59 41.19
N ILE A 954 3.96 9.02 39.96
CA ILE A 954 3.38 8.40 38.74
C ILE A 954 4.49 7.57 38.08
N VAL A 955 4.19 6.30 37.88
CA VAL A 955 5.08 5.28 37.29
C VAL A 955 4.41 4.73 36.05
N SER A 956 5.06 4.85 34.89
CA SER A 956 4.68 4.13 33.67
C SER A 956 5.68 3.05 33.33
N ALA A 957 5.21 2.02 32.65
CA ALA A 957 6.05 0.90 32.23
C ALA A 957 5.43 0.24 30.99
N VAL A 958 6.31 -0.34 30.19
CA VAL A 958 5.97 -1.08 28.94
C VAL A 958 7.22 -1.84 28.51
N THR A 959 7.02 -2.82 27.64
CA THR A 959 8.15 -3.30 26.83
C THR A 959 7.74 -2.95 25.39
N PRO A 960 8.62 -2.26 24.63
CA PRO A 960 8.36 -1.96 23.22
C PRO A 960 8.36 -3.28 22.43
N ASP A 961 8.90 -4.35 23.00
CA ASP A 961 8.79 -5.69 22.38
C ASP A 961 7.31 -6.03 22.21
N LEU A 962 6.84 -6.26 20.99
CA LEU A 962 5.43 -6.61 20.67
C LEU A 962 5.13 -8.06 21.08
N ASN A 963 6.17 -8.87 21.35
CA ASN A 963 5.99 -10.25 21.86
C ASN A 963 5.16 -11.07 20.85
N MET A 964 5.65 -11.11 19.61
CA MET A 964 4.99 -11.89 18.55
C MET A 964 6.02 -12.35 17.50
N THR A 965 5.57 -12.97 16.40
CA THR A 965 6.37 -13.21 15.18
C THR A 965 5.60 -12.72 13.94
N ARG A 966 6.12 -12.98 12.72
CA ARG A 966 5.38 -12.72 11.45
C ARG A 966 4.11 -13.56 11.38
N GLN A 967 4.01 -14.66 12.15
CA GLN A 967 2.84 -15.60 12.12
C GLN A 967 1.98 -15.50 13.40
N LYS A 968 2.58 -15.36 14.56
CA LYS A 968 1.86 -15.45 15.85
C LYS A 968 1.24 -14.09 16.23
N ALA A 969 0.05 -14.12 16.84
CA ALA A 969 -0.55 -13.00 17.57
C ALA A 969 0.36 -12.56 18.74
N ALA A 970 0.43 -11.25 18.93
CA ALA A 970 1.05 -10.61 20.10
C ALA A 970 0.29 -11.07 21.34
N THR A 971 1.02 -11.51 22.34
CA THR A 971 0.45 -11.74 23.67
C THR A 971 1.13 -10.84 24.69
N PRO A 972 0.42 -10.54 25.80
CA PRO A 972 0.90 -9.56 26.77
C PRO A 972 2.11 -10.03 27.55
N VAL A 973 2.99 -9.09 27.89
CA VAL A 973 4.18 -9.36 28.73
C VAL A 973 3.90 -8.82 30.12
N THR A 974 4.10 -9.66 31.13
CA THR A 974 4.03 -9.27 32.55
C THR A 974 5.38 -8.71 32.97
N ILE A 975 5.41 -7.49 33.45
CA ILE A 975 6.67 -6.85 33.92
C ILE A 975 6.54 -6.55 35.43
N ASN A 976 7.47 -7.06 36.23
CA ASN A 976 7.46 -6.77 37.70
C ASN A 976 8.45 -5.65 37.91
N VAL A 977 7.95 -4.53 38.38
CA VAL A 977 8.79 -3.35 38.65
C VAL A 977 8.73 -3.17 40.16
N THR A 978 9.85 -3.33 40.86
CA THR A 978 9.91 -3.14 42.33
C THR A 978 10.30 -1.66 42.53
N ILE A 979 9.60 -0.95 43.39
CA ILE A 979 9.94 0.44 43.70
C ILE A 979 10.30 0.51 45.19
N ASN A 980 11.18 1.44 45.51
CA ASN A 980 11.64 1.65 46.89
C ASN A 980 10.52 2.30 47.68
N GLY A 981 10.30 1.82 48.90
CA GLY A 981 9.31 2.37 49.81
C GLY A 981 7.93 1.74 49.65
N LYS A 982 7.03 2.21 50.50
CA LYS A 982 5.67 1.69 50.70
C LYS A 982 4.68 2.68 50.08
N TRP A 983 3.87 2.19 49.17
CA TRP A 983 2.98 3.02 48.35
C TRP A 983 1.58 2.38 48.32
N GLN A 984 0.55 3.20 48.09
CA GLN A 984 -0.85 2.78 47.77
C GLN A 984 -1.34 3.63 46.59
N SER A 985 -2.50 3.37 45.97
CA SER A 985 -2.90 4.22 44.81
C SER A 985 -4.00 5.23 45.19
N SER A 990 -6.47 2.96 36.31
CA SER A 990 -5.22 2.14 36.16
C SER A 990 -5.51 0.66 36.48
N GLU A 991 -5.00 -0.23 35.61
CA GLU A 991 -5.08 -1.70 35.74
C GLU A 991 -3.73 -2.22 36.25
N VAL A 992 -2.78 -1.36 36.57
CA VAL A 992 -1.52 -1.84 37.18
C VAL A 992 -1.86 -2.39 38.57
N LYS A 993 -1.33 -3.55 38.94
CA LYS A 993 -1.51 -4.13 40.31
C LYS A 993 -0.33 -3.68 41.17
N TYR A 994 -0.56 -3.40 42.45
CA TYR A 994 0.54 -3.14 43.40
C TYR A 994 0.38 -3.98 44.66
N GLN A 995 1.50 -4.29 45.29
CA GLN A 995 1.57 -5.02 46.56
C GLN A 995 2.81 -4.57 47.32
N VAL A 996 2.60 -4.04 48.54
CA VAL A 996 3.66 -3.75 49.51
C VAL A 996 4.20 -5.11 49.96
N SER A 997 5.51 -5.21 49.99
CA SER A 997 6.30 -6.46 50.18
C SER A 997 7.53 -6.03 50.96
N GLY A 998 7.54 -6.21 52.28
CA GLY A 998 8.64 -5.67 53.09
C GLY A 998 8.65 -4.16 53.06
N ASP A 999 9.80 -3.54 52.93
CA ASP A 999 9.91 -2.07 52.85
C ASP A 999 9.63 -1.55 51.44
N ASN A 1000 9.32 -2.42 50.47
CA ASN A 1000 9.22 -2.02 49.04
C ASN A 1000 7.85 -2.38 48.46
N THR A 1001 7.56 -1.92 47.24
CA THR A 1001 6.24 -2.11 46.59
C THR A 1001 6.50 -2.77 45.24
N GLU A 1002 5.84 -3.91 44.98
CA GLU A 1002 5.90 -4.64 43.71
C GLU A 1002 4.75 -4.15 42.83
N LEU A 1003 5.07 -3.61 41.65
CA LEU A 1003 4.07 -3.23 40.64
C LEU A 1003 4.11 -4.32 39.57
N THR A 1004 2.96 -4.78 39.13
CA THR A 1004 2.78 -5.75 38.03
C THR A 1004 2.11 -5.01 36.89
N PHE A 1005 2.87 -4.77 35.83
CA PHE A 1005 2.38 -4.15 34.57
C PHE A 1005 2.07 -5.27 33.58
N THR A 1006 1.07 -5.02 32.74
CA THR A 1006 0.75 -5.84 31.55
C THR A 1006 1.02 -5.00 30.31
N SER A 1007 2.05 -5.39 29.59
CA SER A 1007 2.47 -4.72 28.35
C SER A 1007 1.90 -5.47 27.15
N TYR A 1008 0.87 -4.91 26.54
CA TYR A 1008 0.21 -5.54 25.36
C TYR A 1008 0.54 -4.68 24.15
N PHE A 1009 1.13 -5.27 23.11
CA PHE A 1009 1.46 -4.55 21.85
C PHE A 1009 2.19 -3.23 22.18
N GLY A 1010 3.12 -3.27 23.14
CA GLY A 1010 3.96 -2.14 23.50
C GLY A 1010 3.16 -0.93 23.95
N ILE A 1011 1.98 -1.14 24.57
CA ILE A 1011 1.07 -0.03 25.02
C ILE A 1011 1.39 0.25 26.49
N PRO A 1012 1.95 1.43 26.80
CA PRO A 1012 2.35 1.73 28.17
C PRO A 1012 1.13 1.75 29.08
N GLN A 1013 1.40 1.44 30.33
CA GLN A 1013 0.40 1.56 31.42
C GLN A 1013 1.06 2.43 32.47
N GLU A 1014 0.27 3.14 33.25
CA GLU A 1014 0.80 3.90 34.37
C GLU A 1014 -0.17 3.87 35.52
N ILE A 1015 0.37 4.20 36.67
CA ILE A 1015 -0.33 4.22 37.98
C ILE A 1015 0.18 5.42 38.78
N LYS A 1016 -0.75 6.10 39.44
CA LYS A 1016 -0.51 7.22 40.38
C LYS A 1016 -0.49 6.62 41.80
N LEU A 1017 0.65 6.73 42.46
CA LEU A 1017 0.90 6.14 43.79
C LEU A 1017 1.01 7.30 44.79
N SER A 1018 0.63 7.04 46.02
CA SER A 1018 0.85 7.98 47.13
C SER A 1018 1.51 7.21 48.29
N PRO A 1019 2.37 7.89 49.07
CA PRO A 1019 3.17 7.19 50.06
C PRO A 1019 2.27 6.61 51.15
N LEU A 1020 2.63 5.44 51.67
CA LEU A 1020 2.09 4.95 52.95
C LEU A 1020 2.92 5.50 54.09
N PRO A 1021 2.31 5.87 55.24
CA PRO A 1021 3.10 6.16 56.43
C PRO A 1021 4.00 4.96 56.76
C1 NG6 B . 6.23 -8.01 -1.68
C2 NG6 B . 5.86 -7.60 -3.11
C3 NG6 B . 4.70 -6.65 -2.91
C4 NG6 B . 3.56 -7.44 -2.31
C5 NG6 B . 4.04 -8.05 -0.97
C6 NG6 B . 2.95 -8.83 -0.27
C7 NG6 B . 7.39 -6.99 -4.95
C8 NG6 B . 6.61 -7.67 -6.00
N2 NG6 B . 7.02 -6.94 -3.71
O1 NG6 B . 7.56 -8.56 -1.65
O3 NG6 B . 4.33 -6.01 -4.10
O4 NG6 B . 3.13 -8.38 -3.28
O5 NG6 B . 5.20 -8.85 -1.13
O6 NG6 B . 2.19 -7.91 0.54
O7 NG6 B . 8.44 -6.43 -5.16
S NG6 B . 1.96 -8.22 2.09
O1S NG6 B . 1.17 -9.68 2.15
O2S NG6 B . 1.13 -7.01 2.63
O3S NG6 B . 3.26 -8.65 2.65
C1 GCD B . 4.43 -4.58 -4.06
C2 GCD B . 4.34 -3.93 -5.47
C3 GCD B . 2.98 -4.06 -6.19
C4 GCD B . 1.83 -3.91 -5.20
C5 GCD B . 2.07 -3.93 -3.85
C6 GCD B . 0.98 -3.87 -2.85
O2 GCD B . 4.56 -2.55 -5.27
O3 GCD B . 3.08 -5.34 -6.77
O5 GCD B . 3.40 -4.05 -3.26
O6A GCD B . -0.16 -3.72 -3.17
O6B GCD B . 1.17 -4.01 -1.66
C1 NG6 C . -0.50 3.01 -2.96
C2 NG6 C . 1.02 3.03 -3.11
C3 NG6 C . 1.03 4.41 -3.84
C4 NG6 C . 0.31 4.34 -5.21
C5 NG6 C . -1.06 3.70 -4.98
C6 NG6 C . -1.74 3.52 -6.29
C7 NG6 C . 2.99 2.83 -1.68
C8 NG6 C . 3.51 2.91 -0.28
N2 NG6 C . 1.67 2.96 -1.81
O1 NG6 C . -1.12 2.82 -1.68
O3 NG6 C . 2.30 5.04 -4.00
O4 NG6 C . 1.08 3.65 -6.21
O5 NG6 C . -1.05 2.44 -4.20
O6 NG6 C . -3.07 3.27 -5.85
O7 NG6 C . 3.73 2.69 -2.64
S NG6 C . -3.94 2.57 -6.91
O1S NG6 C . -4.96 1.69 -6.47
O2S NG6 C . -4.88 3.91 -6.59
O3S NG6 C . -3.83 2.91 -8.36
C1 GCD C . 2.45 6.26 -3.23
C2 GCD C . 3.88 6.74 -3.50
C3 GCD C . 4.06 6.97 -5.02
C4 GCD C . 2.85 7.64 -5.65
C5 GCD C . 1.71 7.76 -4.97
C6 GCD C . 0.57 8.38 -5.55
O2 GCD C . 4.15 7.88 -2.68
O3 GCD C . 4.24 5.70 -5.67
O5 GCD C . 1.53 7.29 -3.59
O6A GCD C . -0.49 7.84 -5.19
O6B GCD C . 0.70 9.38 -6.31
MG MG D . -8.47 -10.55 -38.45
C1 GOL E . -31.93 -7.52 -16.76
O1 GOL E . -32.36 -6.20 -16.47
C2 GOL E . -33.15 -8.40 -16.72
O2 GOL E . -32.91 -9.62 -17.42
C3 GOL E . -33.56 -8.63 -15.28
O3 GOL E . -32.53 -8.19 -14.40
#